data_6VX4
#
_entry.id   6VX4
#
_cell.length_a   1.00
_cell.length_b   1.00
_cell.length_c   1.00
_cell.angle_alpha   90.00
_cell.angle_beta   90.00
_cell.angle_gamma   90.00
#
_symmetry.space_group_name_H-M   'P 1'
#
loop_
_entity.id
_entity.type
_entity.pdbx_description
1 polymer 'Variable Domain of Kappa Chain of TyTx11 Antibody'
2 polymer 'Pertussis like toxin subunit B'
3 polymer 'Variable Domain of Heavy Chain of Antibody TyTx11'
4 polymer 'Pertussis toxin-like subunit ArtA'
5 polymer 'Cytolethal distending toxin subunit B'
#
loop_
_entity_poly.entity_id
_entity_poly.type
_entity_poly.pdbx_seq_one_letter_code
_entity_poly.pdbx_strand_id
1 'polypeptide(L)'
;DIQMTQSSSYLSVSQGDRVTITCKASDHIDNWLAWYQQKPGNAPRLLISGATSLKTGLPSRFSGSGSGKDFSLSITNLQT
EDVASYYCQQYWRTPYTFGGGTKLEI
;
K
2 'polypeptide(L)'
;EWTGDNTNAYYSDEVISELHVGQIDTSPYFCIKTVKANGSGTPVVACAVSKQSIWAPSFKELLDQARYFYSTGQSVRIHV
QKNIWTYPLFVNTFSANALVGLSSCSATQCFGPK
;
C,A,B,D,E
3 'polypeptide(L)'
;EVQLQQSGPVLVKPGPSVKISCKASGYSFIDYFMNWVMQSHGKSLEWIGRIDPYSGDTFYNQKFKGKATLTVDKSSTTAH
MELRSLASEDSAVYYCAREVLNYYAMDYWGQGTSVTVSSAKTTPPSVYPLAPGSAAQTNSMVTLGCLVKGYFPEPVTVTW
NSGSPWYISFLKLNKIF(UNK)RE(UNK)
;
H
4 'polypeptide(L)'
;VDFVYRVDSTPPDVIFRDGFSLLGYNRNFQQFISGRSCSGGSSDSRYIATTSSVNQTYAIARAYYSRSTFKGNLYRYQIR
ADNNFYSLLPSITYLETQGGHFNAYEKTMMRLQREYVSTLSILPENIQKAVALVYDSATGLVKDGVSTMNASYLGLSTTS
NPGVIPFLPEPQTYTQQRIDAFGPLISSCFSIGSVCHSHRGQRADVYNMSFYDARPVIELILSK
;
G
5 'polypeptide(L)'
;NISDYKVMTWNLQGSSASTESKWNVNVRQLLSGTAGVDILMVQEAGAVPTSAVPTGRHIQPFGVGIPIDEYTWNLGTTSR
QDIRYIYHSAIDVGARRVNLAIVSRQRADNVYVLRPTTVASRPVIGIGLGNDVFLTAHALASGGPDAAAIVRVTINFFRQ
PQMRHLSWFLAGDFNRSPDRLENDLMTEHLERVVAVLAPTEPTQIGGGILDYGVIVDRAPYSQRVEALRNPQLASDHYPV
AFLARSCLEHHHHHH
;
F
#
# COMPACT_ATOMS: atom_id res chain seq x y z
N ASP A 1 -26.40 18.97 -25.69
CA ASP A 1 -27.25 17.78 -25.69
C ASP A 1 -26.50 16.59 -26.27
N ILE A 2 -26.49 15.48 -25.52
CA ILE A 2 -25.80 14.26 -25.94
C ILE A 2 -26.81 13.42 -26.71
N GLN A 3 -26.89 13.67 -28.02
CA GLN A 3 -27.86 12.98 -28.86
C GLN A 3 -27.61 11.48 -28.85
N MET A 4 -28.58 10.73 -29.38
CA MET A 4 -28.50 9.29 -29.47
C MET A 4 -29.05 8.84 -30.82
N THR A 5 -28.72 7.62 -31.19
CA THR A 5 -29.15 7.08 -32.48
C THR A 5 -29.30 5.57 -32.38
N GLN A 6 -30.04 5.00 -33.33
CA GLN A 6 -30.23 3.56 -33.45
C GLN A 6 -29.90 3.18 -34.90
N SER A 7 -28.80 2.45 -35.08
CA SER A 7 -28.36 2.11 -36.44
C SER A 7 -29.43 1.34 -37.20
N SER A 8 -30.30 0.63 -36.51
CA SER A 8 -31.36 -0.18 -37.13
C SER A 8 -32.68 0.53 -36.91
N SER A 9 -33.20 1.17 -37.96
CA SER A 9 -34.48 1.84 -37.88
C SER A 9 -35.66 0.88 -37.97
N TYR A 10 -35.46 -0.29 -38.58
CA TYR A 10 -36.49 -1.32 -38.67
C TYR A 10 -35.80 -2.67 -38.50
N LEU A 11 -35.76 -3.16 -37.26
CA LEU A 11 -35.11 -4.43 -36.94
C LEU A 11 -36.05 -5.58 -37.32
N SER A 12 -36.15 -5.82 -38.61
CA SER A 12 -36.98 -6.90 -39.13
C SER A 12 -36.52 -8.24 -38.57
N VAL A 13 -37.36 -8.87 -37.76
CA VAL A 13 -37.03 -10.16 -37.14
C VAL A 13 -38.31 -10.94 -36.91
N SER A 14 -38.31 -12.21 -37.29
CA SER A 14 -39.49 -13.05 -37.16
C SER A 14 -39.65 -13.51 -35.71
N GLN A 15 -40.66 -14.35 -35.49
CA GLN A 15 -40.94 -14.83 -34.14
C GLN A 15 -39.77 -15.64 -33.60
N GLY A 16 -39.67 -15.69 -32.27
CA GLY A 16 -38.65 -16.49 -31.62
C GLY A 16 -37.23 -16.13 -31.99
N ASP A 17 -37.01 -14.94 -32.55
CA ASP A 17 -35.68 -14.53 -32.97
C ASP A 17 -35.03 -13.68 -31.90
N ARG A 18 -33.72 -13.84 -31.74
CA ARG A 18 -32.94 -13.03 -30.81
C ARG A 18 -32.79 -11.64 -31.41
N VAL A 19 -33.69 -10.73 -31.05
CA VAL A 19 -33.75 -9.40 -31.62
C VAL A 19 -32.99 -8.46 -30.68
N THR A 20 -31.74 -8.16 -31.03
CA THR A 20 -30.94 -7.18 -30.31
C THR A 20 -30.91 -5.89 -31.12
N ILE A 21 -31.26 -4.78 -30.47
CA ILE A 21 -31.34 -3.48 -31.13
C ILE A 21 -30.24 -2.59 -30.56
N THR A 22 -29.48 -1.97 -31.45
CA THR A 22 -28.31 -1.19 -31.06
C THR A 22 -28.71 0.21 -30.62
N CYS A 23 -27.78 0.89 -29.95
CA CYS A 23 -27.99 2.27 -29.53
C CYS A 23 -26.64 2.90 -29.24
N LYS A 24 -26.32 3.97 -29.95
CA LYS A 24 -25.07 4.70 -29.77
C LYS A 24 -25.36 6.08 -29.19
N ALA A 25 -24.50 6.52 -28.27
CA ALA A 25 -24.63 7.82 -27.64
C ALA A 25 -23.43 8.69 -27.99
N SER A 26 -23.53 9.97 -27.62
CA SER A 26 -22.48 10.94 -27.89
C SER A 26 -21.64 11.24 -26.65
N ASP A 27 -21.79 10.46 -25.58
CA ASP A 27 -21.03 10.67 -24.36
C ASP A 27 -21.29 9.49 -23.43
N HIS A 28 -20.37 9.27 -22.50
CA HIS A 28 -20.49 8.15 -21.57
C HIS A 28 -21.71 8.32 -20.69
N ILE A 29 -22.66 7.40 -20.83
CA ILE A 29 -23.88 7.40 -20.02
C ILE A 29 -23.96 6.07 -19.27
N ASP A 30 -22.81 5.51 -18.93
CA ASP A 30 -22.73 4.19 -18.31
C ASP A 30 -23.80 4.00 -17.25
N ASN A 31 -24.54 2.89 -17.37
CA ASN A 31 -25.55 2.47 -16.41
C ASN A 31 -26.73 3.42 -16.32
N TRP A 32 -26.83 4.39 -17.23
CA TRP A 32 -27.90 5.40 -17.20
C TRP A 32 -28.54 5.45 -18.59
N LEU A 33 -29.56 4.62 -18.79
CA LEU A 33 -30.29 4.62 -20.05
C LEU A 33 -31.63 3.91 -19.84
N ALA A 34 -32.60 4.25 -20.68
CA ALA A 34 -33.95 3.72 -20.58
C ALA A 34 -34.41 3.22 -21.93
N TRP A 35 -35.02 2.03 -21.95
CA TRP A 35 -35.59 1.44 -23.15
C TRP A 35 -37.11 1.44 -23.02
N TYR A 36 -37.79 2.15 -23.91
CA TYR A 36 -39.24 2.28 -23.88
C TYR A 36 -39.85 1.57 -25.07
N GLN A 37 -40.80 0.69 -24.81
CA GLN A 37 -41.58 0.04 -25.86
C GLN A 37 -42.83 0.85 -26.14
N GLN A 38 -43.14 1.04 -27.42
CA GLN A 38 -44.29 1.82 -27.83
C GLN A 38 -44.98 1.13 -28.99
N LYS A 39 -46.17 0.60 -28.74
CA LYS A 39 -46.99 0.02 -29.80
C LYS A 39 -47.43 1.13 -30.76
N PRO A 40 -48.01 0.79 -31.90
CA PRO A 40 -48.42 1.85 -32.84
C PRO A 40 -49.36 2.88 -32.23
N GLY A 41 -50.24 2.45 -31.32
CA GLY A 41 -51.17 3.36 -30.69
C GLY A 41 -50.91 3.56 -29.22
N ASN A 42 -50.38 2.53 -28.56
CA ASN A 42 -50.12 2.59 -27.12
C ASN A 42 -49.06 3.65 -26.82
N ALA A 43 -48.80 3.87 -25.53
CA ALA A 43 -47.82 4.84 -25.09
C ALA A 43 -46.50 4.17 -24.75
N PRO A 44 -45.40 4.92 -24.76
CA PRO A 44 -44.09 4.31 -24.45
C PRO A 44 -44.09 3.66 -23.07
N ARG A 45 -43.85 2.36 -23.05
CA ARG A 45 -43.78 1.59 -21.81
C ARG A 45 -42.32 1.30 -21.49
N LEU A 46 -41.88 1.73 -20.31
CA LEU A 46 -40.50 1.52 -19.90
C LEU A 46 -40.21 0.04 -19.72
N LEU A 47 -39.23 -0.48 -20.47
CA LEU A 47 -38.83 -1.87 -20.36
C LEU A 47 -37.57 -2.03 -19.50
N ILE A 48 -36.48 -1.38 -19.90
CA ILE A 48 -35.21 -1.43 -19.18
C ILE A 48 -34.86 -0.02 -18.74
N SER A 49 -34.34 0.09 -17.52
CA SER A 49 -33.83 1.35 -16.99
C SER A 49 -32.43 1.11 -16.44
N GLY A 50 -31.52 2.04 -16.73
CA GLY A 50 -30.14 1.89 -16.33
C GLY A 50 -29.38 0.97 -17.26
N ALA A 51 -28.55 0.10 -16.70
CA ALA A 51 -27.75 -0.79 -17.54
C ALA A 51 -28.60 -1.93 -18.07
N THR A 52 -29.12 -2.78 -17.18
CA THR A 52 -29.89 -3.94 -17.61
C THR A 52 -31.07 -4.24 -16.69
N SER A 53 -31.40 -3.37 -15.75
CA SER A 53 -32.46 -3.64 -14.79
C SER A 53 -33.80 -3.76 -15.50
N LEU A 54 -34.31 -4.97 -15.60
CA LEU A 54 -35.61 -5.19 -16.20
C LEU A 54 -36.72 -4.67 -15.29
N LYS A 55 -37.69 -3.97 -15.90
CA LYS A 55 -38.78 -3.41 -15.12
C LYS A 55 -39.49 -4.50 -14.33
N THR A 56 -39.71 -4.25 -13.04
CA THR A 56 -40.40 -5.21 -12.20
C THR A 56 -41.77 -5.54 -12.79
N GLY A 57 -42.06 -6.83 -12.91
CA GLY A 57 -43.34 -7.26 -13.45
C GLY A 57 -43.40 -7.30 -14.97
N LEU A 58 -42.25 -7.42 -15.63
CA LEU A 58 -42.20 -7.51 -17.09
C LEU A 58 -41.61 -8.86 -17.49
N PRO A 59 -41.91 -9.32 -18.71
CA PRO A 59 -41.36 -10.61 -19.16
C PRO A 59 -39.84 -10.60 -19.10
N SER A 60 -39.28 -11.74 -18.68
CA SER A 60 -37.83 -11.88 -18.57
C SER A 60 -37.15 -12.10 -19.91
N ARG A 61 -37.91 -12.26 -21.00
CA ARG A 61 -37.29 -12.45 -22.31
C ARG A 61 -36.45 -11.26 -22.71
N PHE A 62 -36.88 -10.05 -22.35
CA PHE A 62 -36.08 -8.87 -22.63
C PHE A 62 -34.78 -8.91 -21.84
N SER A 63 -33.80 -8.13 -22.30
CA SER A 63 -32.51 -8.07 -21.64
C SER A 63 -31.70 -6.87 -22.12
N GLY A 64 -31.19 -6.08 -21.19
CA GLY A 64 -30.35 -4.95 -21.51
C GLY A 64 -28.88 -5.25 -21.25
N SER A 65 -28.01 -4.48 -21.89
CA SER A 65 -26.58 -4.67 -21.74
C SER A 65 -25.87 -3.49 -22.40
N GLY A 66 -24.63 -3.28 -21.99
CA GLY A 66 -23.80 -2.23 -22.52
C GLY A 66 -23.57 -1.12 -21.49
N SER A 67 -22.62 -0.25 -21.82
CA SER A 67 -22.26 0.87 -20.97
C SER A 67 -21.41 1.82 -21.80
N GLY A 68 -21.21 3.02 -21.26
CA GLY A 68 -20.45 4.03 -21.97
C GLY A 68 -21.31 4.74 -23.00
N LYS A 69 -21.09 4.42 -24.27
CA LYS A 69 -21.87 5.00 -25.36
C LYS A 69 -22.57 3.95 -26.21
N ASP A 70 -22.48 2.67 -25.84
CA ASP A 70 -23.09 1.58 -26.58
C ASP A 70 -24.02 0.78 -25.68
N PHE A 71 -25.14 0.33 -26.24
CA PHE A 71 -26.12 -0.43 -25.50
C PHE A 71 -26.79 -1.43 -26.44
N SER A 72 -27.54 -2.35 -25.86
CA SER A 72 -28.18 -3.40 -26.64
C SER A 72 -29.33 -3.99 -25.84
N LEU A 73 -30.56 -3.84 -26.35
CA LEU A 73 -31.74 -4.44 -25.74
C LEU A 73 -32.01 -5.77 -26.44
N SER A 74 -31.66 -6.86 -25.79
CA SER A 74 -31.83 -8.19 -26.34
C SER A 74 -33.24 -8.70 -26.09
N ILE A 75 -33.85 -9.27 -27.12
CA ILE A 75 -35.19 -9.87 -27.03
C ILE A 75 -35.05 -11.29 -27.53
N THR A 76 -34.93 -12.24 -26.60
CA THR A 76 -34.65 -13.63 -26.96
C THR A 76 -35.73 -14.23 -27.85
N ASN A 77 -36.94 -14.35 -27.33
CA ASN A 77 -38.07 -14.94 -28.05
C ASN A 77 -39.07 -13.84 -28.34
N LEU A 78 -39.07 -13.35 -29.58
CA LEU A 78 -39.96 -12.27 -29.97
C LEU A 78 -41.42 -12.71 -29.87
N GLN A 79 -42.31 -11.72 -29.85
CA GLN A 79 -43.74 -11.96 -29.79
C GLN A 79 -44.46 -10.83 -30.51
N THR A 80 -45.66 -11.13 -31.01
CA THR A 80 -46.42 -10.13 -31.74
C THR A 80 -46.61 -8.86 -30.91
N GLU A 81 -47.01 -9.03 -29.65
CA GLU A 81 -47.13 -7.87 -28.77
C GLU A 81 -45.78 -7.17 -28.60
N ASP A 82 -44.69 -7.93 -28.59
CA ASP A 82 -43.35 -7.35 -28.47
C ASP A 82 -42.86 -6.74 -29.77
N VAL A 83 -43.59 -6.91 -30.87
CA VAL A 83 -43.19 -6.34 -32.15
C VAL A 83 -43.70 -4.90 -32.21
N ALA A 84 -42.89 -3.97 -31.68
CA ALA A 84 -43.29 -2.57 -31.62
C ALA A 84 -42.03 -1.71 -31.59
N SER A 85 -42.24 -0.40 -31.64
CA SER A 85 -41.13 0.53 -31.63
C SER A 85 -40.45 0.54 -30.26
N TYR A 86 -39.13 0.69 -30.28
CA TYR A 86 -38.32 0.78 -29.07
C TYR A 86 -37.46 2.02 -29.14
N TYR A 87 -37.28 2.68 -27.99
CA TYR A 87 -36.52 3.92 -27.92
C TYR A 87 -35.55 3.83 -26.76
N CYS A 88 -34.26 3.99 -27.05
CA CYS A 88 -33.24 4.08 -26.01
C CYS A 88 -33.05 5.56 -25.65
N GLN A 89 -33.27 5.89 -24.39
CA GLN A 89 -33.25 7.28 -23.94
C GLN A 89 -32.26 7.41 -22.79
N GLN A 90 -31.21 8.19 -23.00
CA GLN A 90 -30.27 8.49 -21.93
C GLN A 90 -30.87 9.52 -20.97
N TYR A 91 -30.47 9.43 -19.72
CA TYR A 91 -30.81 10.44 -18.72
C TYR A 91 -29.58 10.82 -17.91
N TRP A 92 -28.40 10.75 -18.53
CA TRP A 92 -27.18 11.16 -17.84
C TRP A 92 -27.06 12.68 -17.77
N ARG A 93 -27.68 13.39 -18.70
CA ARG A 93 -27.65 14.84 -18.73
C ARG A 93 -29.07 15.37 -18.84
N THR A 94 -29.27 16.61 -18.40
CA THR A 94 -30.61 17.15 -18.32
C THR A 94 -31.32 17.26 -19.67
N PRO A 95 -30.65 17.46 -20.82
CA PRO A 95 -31.37 17.35 -22.10
C PRO A 95 -31.53 15.88 -22.49
N TYR A 96 -32.74 15.37 -22.33
CA TYR A 96 -33.02 13.98 -22.66
C TYR A 96 -33.21 13.82 -24.16
N THR A 97 -32.80 12.66 -24.67
CA THR A 97 -32.95 12.34 -26.08
C THR A 97 -33.23 10.85 -26.22
N PHE A 98 -34.15 10.52 -27.11
CA PHE A 98 -34.56 9.14 -27.34
C PHE A 98 -33.91 8.60 -28.60
N GLY A 99 -33.84 7.27 -28.68
CA GLY A 99 -33.32 6.63 -29.88
C GLY A 99 -34.15 6.95 -31.10
N GLY A 100 -33.57 6.68 -32.27
CA GLY A 100 -34.25 6.93 -33.51
C GLY A 100 -35.56 6.19 -33.66
N GLY A 101 -35.71 5.07 -32.96
CA GLY A 101 -36.93 4.28 -33.04
C GLY A 101 -36.79 3.10 -33.97
N THR A 102 -36.59 1.92 -33.40
CA THR A 102 -36.39 0.70 -34.18
C THR A 102 -37.70 -0.08 -34.27
N LYS A 103 -38.64 0.48 -35.02
CA LYS A 103 -39.93 -0.15 -35.22
C LYS A 103 -39.75 -1.54 -35.80
N LEU A 104 -40.13 -2.56 -35.02
CA LEU A 104 -39.92 -3.94 -35.42
C LEU A 104 -40.82 -4.29 -36.62
N GLU A 105 -40.53 -5.46 -37.20
CA GLU A 105 -41.29 -5.97 -38.33
C GLU A 105 -41.13 -7.48 -38.35
N ILE A 106 -41.52 -8.11 -39.46
CA ILE A 106 -41.41 -9.56 -39.61
C ILE A 106 -40.62 -9.87 -40.87
N GLU B 1 33.24 -34.52 16.01
CA GLU B 1 33.34 -33.08 15.81
C GLU B 1 32.32 -32.60 14.79
N TRP B 2 31.14 -32.22 15.26
CA TRP B 2 30.08 -31.77 14.38
C TRP B 2 28.96 -31.18 15.23
N THR B 3 28.35 -30.10 14.74
CA THR B 3 27.30 -29.43 15.51
C THR B 3 26.12 -30.35 15.78
N GLY B 4 25.96 -31.42 15.01
CA GLY B 4 24.92 -32.39 15.21
C GLY B 4 25.32 -33.62 15.99
N ASP B 5 26.51 -33.64 16.59
CA ASP B 5 26.94 -34.79 17.36
C ASP B 5 25.98 -35.03 18.53
N ASN B 6 25.79 -36.31 18.86
CA ASN B 6 24.92 -36.66 19.98
C ASN B 6 25.39 -36.04 21.29
N THR B 7 26.65 -35.61 21.36
CA THR B 7 27.17 -34.98 22.56
C THR B 7 26.77 -33.52 22.70
N ASN B 8 26.13 -32.94 21.70
CA ASN B 8 25.70 -31.55 21.71
C ASN B 8 24.18 -31.52 21.84
N ALA B 9 23.69 -31.02 22.97
CA ALA B 9 22.26 -30.93 23.20
C ALA B 9 21.66 -29.81 22.34
N TYR B 10 20.54 -30.11 21.69
CA TYR B 10 19.85 -29.15 20.84
C TYR B 10 18.53 -28.74 21.48
N TYR B 11 18.15 -27.49 21.25
CA TYR B 11 16.90 -26.92 21.78
C TYR B 11 16.06 -26.44 20.60
N SER B 12 14.94 -27.10 20.37
CA SER B 12 14.08 -26.80 19.24
C SER B 12 13.01 -25.78 19.63
N ASP B 13 12.32 -25.25 18.63
CA ASP B 13 11.25 -24.27 18.82
C ASP B 13 11.73 -23.02 19.54
N GLU B 14 13.03 -22.75 19.51
CA GLU B 14 13.60 -21.63 20.21
C GLU B 14 13.62 -20.38 19.33
N VAL B 15 13.56 -19.22 19.97
CA VAL B 15 13.69 -17.93 19.29
C VAL B 15 14.70 -17.10 20.06
N ILE B 16 15.63 -16.47 19.34
CA ILE B 16 16.63 -15.62 19.98
C ILE B 16 15.96 -14.30 20.37
N SER B 17 15.60 -14.18 21.66
CA SER B 17 14.97 -12.95 22.13
C SER B 17 16.00 -11.88 22.47
N GLU B 18 17.18 -12.29 22.94
CA GLU B 18 18.25 -11.36 23.28
C GLU B 18 19.55 -11.85 22.66
N LEU B 19 20.38 -10.91 22.23
CA LEU B 19 21.67 -11.21 21.63
C LEU B 19 22.71 -10.28 22.23
N HIS B 20 23.80 -10.85 22.72
CA HIS B 20 24.90 -10.11 23.30
C HIS B 20 26.15 -10.32 22.47
N VAL B 21 26.94 -9.26 22.29
CA VAL B 21 28.20 -9.31 21.58
C VAL B 21 29.25 -8.64 22.45
N GLY B 22 30.40 -9.29 22.59
CA GLY B 22 31.46 -8.76 23.40
C GLY B 22 32.77 -9.45 23.12
N GLN B 23 33.74 -9.22 24.01
CA GLN B 23 35.07 -9.80 23.88
C GLN B 23 35.49 -10.42 25.20
N ILE B 24 36.20 -11.53 25.12
CA ILE B 24 36.72 -12.23 26.30
C ILE B 24 38.05 -12.87 25.92
N ASP B 25 39.07 -12.67 26.76
CA ASP B 25 40.40 -13.19 26.51
C ASP B 25 40.94 -12.70 25.17
N THR B 26 40.73 -11.41 24.90
CA THR B 26 41.21 -10.78 23.67
C THR B 26 40.72 -11.53 22.44
N SER B 27 39.42 -11.85 22.45
CA SER B 27 38.78 -12.52 21.32
C SER B 27 37.28 -12.28 21.38
N PRO B 28 36.66 -11.81 20.29
CA PRO B 28 35.23 -11.51 20.35
C PRO B 28 34.39 -12.76 20.60
N TYR B 29 33.15 -12.53 21.01
CA TYR B 29 32.22 -13.60 21.27
C TYR B 29 30.80 -13.02 21.22
N PHE B 30 29.81 -13.89 21.36
CA PHE B 30 28.42 -13.45 21.38
C PHE B 30 27.60 -14.51 22.11
N CYS B 31 26.56 -14.05 22.79
CA CYS B 31 25.66 -14.91 23.55
C CYS B 31 24.22 -14.62 23.12
N ILE B 32 23.43 -15.68 22.95
CA ILE B 32 22.04 -15.57 22.55
C ILE B 32 21.17 -16.19 23.63
N LYS B 33 20.27 -15.41 24.20
CA LYS B 33 19.30 -15.90 25.17
C LYS B 33 18.03 -16.29 24.43
N THR B 34 17.82 -17.59 24.28
CA THR B 34 16.71 -18.12 23.49
C THR B 34 15.59 -18.56 24.40
N VAL B 35 14.37 -18.14 24.07
CA VAL B 35 13.17 -18.56 24.77
C VAL B 35 12.31 -19.36 23.79
N LYS B 36 11.47 -20.22 24.34
CA LYS B 36 10.61 -21.05 23.50
C LYS B 36 9.67 -20.18 22.68
N ALA B 37 9.32 -20.68 21.49
CA ALA B 37 8.41 -19.94 20.62
C ALA B 37 7.10 -19.63 21.33
N ASN B 38 6.59 -20.59 22.10
CA ASN B 38 5.35 -20.42 22.86
C ASN B 38 5.60 -19.98 24.30
N GLY B 39 6.76 -19.38 24.57
CA GLY B 39 7.06 -18.87 25.89
C GLY B 39 7.25 -19.91 26.97
N SER B 40 7.25 -21.19 26.63
CA SER B 40 7.42 -22.26 27.61
C SER B 40 8.91 -22.46 27.90
N GLY B 41 9.23 -23.53 28.60
CA GLY B 41 10.62 -23.86 28.88
C GLY B 41 11.33 -22.76 29.65
N THR B 42 12.66 -22.92 29.72
CA THR B 42 13.53 -21.99 30.40
C THR B 42 14.43 -21.26 29.40
N PRO B 43 14.83 -20.01 29.69
CA PRO B 43 15.72 -19.31 28.76
C PRO B 43 17.03 -20.03 28.57
N VAL B 44 17.28 -20.51 27.35
CA VAL B 44 18.50 -21.23 27.03
C VAL B 44 19.50 -20.23 26.45
N VAL B 45 20.56 -19.97 27.20
CA VAL B 45 21.60 -19.02 26.80
C VAL B 45 22.74 -19.81 26.17
N ALA B 46 23.12 -19.43 24.95
CA ALA B 46 24.17 -20.10 24.21
C ALA B 46 25.16 -19.07 23.71
N CYS B 47 26.44 -19.30 23.99
CA CYS B 47 27.50 -18.38 23.60
C CYS B 47 28.45 -19.03 22.60
N ALA B 48 29.38 -18.24 22.09
CA ALA B 48 30.40 -18.73 21.18
C ALA B 48 31.49 -17.68 21.06
N VAL B 49 32.74 -18.11 21.24
CA VAL B 49 33.88 -17.20 21.20
C VAL B 49 34.61 -17.41 19.87
N SER B 50 35.40 -16.39 19.49
CA SER B 50 36.06 -16.42 18.19
C SER B 50 37.34 -17.24 18.21
N LYS B 51 38.02 -17.35 19.35
CA LYS B 51 39.31 -18.03 19.42
C LYS B 51 39.44 -18.89 20.67
N GLN B 52 38.35 -19.23 21.34
CA GLN B 52 38.39 -19.97 22.60
C GLN B 52 38.23 -21.47 22.39
N SER B 53 37.10 -21.90 21.83
CA SER B 53 36.74 -23.30 21.77
C SER B 53 37.06 -23.89 20.40
N ILE B 54 36.74 -25.18 20.24
CA ILE B 54 36.92 -25.84 18.96
C ILE B 54 35.94 -25.33 17.92
N TRP B 55 34.85 -24.70 18.36
CA TRP B 55 33.85 -24.13 17.47
C TRP B 55 34.15 -22.69 17.09
N ALA B 56 35.42 -22.30 17.17
CA ALA B 56 35.86 -20.96 16.80
C ALA B 56 35.70 -20.71 15.31
N PRO B 57 36.09 -21.65 14.44
CA PRO B 57 35.98 -21.40 12.99
C PRO B 57 34.61 -20.93 12.55
N SER B 58 33.55 -21.35 13.23
CA SER B 58 32.19 -21.04 12.82
C SER B 58 31.64 -19.77 13.47
N PHE B 59 32.35 -19.19 14.44
CA PHE B 59 31.85 -17.99 15.09
C PHE B 59 31.48 -16.92 14.08
N LYS B 60 32.37 -16.65 13.12
CA LYS B 60 32.08 -15.65 12.10
C LYS B 60 30.79 -15.96 11.37
N GLU B 61 30.52 -17.24 11.12
CA GLU B 61 29.33 -17.65 10.39
C GLU B 61 28.12 -17.87 11.29
N LEU B 62 28.32 -17.95 12.61
CA LEU B 62 27.23 -18.09 13.56
C LEU B 62 26.74 -16.75 14.08
N LEU B 63 27.65 -15.88 14.50
CA LEU B 63 27.26 -14.53 14.91
C LEU B 63 26.39 -13.87 13.84
N ASP B 64 26.84 -13.94 12.58
CA ASP B 64 26.03 -13.41 11.49
C ASP B 64 24.72 -14.16 11.35
N GLN B 65 24.71 -15.46 11.65
CA GLN B 65 23.47 -16.22 11.58
C GLN B 65 22.59 -15.90 12.80
N ALA B 66 23.13 -16.04 14.00
CA ALA B 66 22.41 -15.61 15.19
C ALA B 66 21.86 -14.21 15.02
N ARG B 67 22.70 -13.29 14.53
CA ARG B 67 22.23 -11.93 14.27
C ARG B 67 21.08 -11.93 13.26
N TYR B 68 21.06 -12.89 12.33
CA TYR B 68 19.97 -12.97 11.38
C TYR B 68 18.70 -13.50 12.05
N PHE B 69 18.79 -14.68 12.65
CA PHE B 69 17.63 -15.24 13.34
C PHE B 69 17.16 -14.31 14.45
N TYR B 70 18.10 -13.67 15.16
CA TYR B 70 17.71 -12.71 16.19
C TYR B 70 16.92 -11.55 15.59
N SER B 71 17.10 -11.28 14.29
CA SER B 71 16.37 -10.20 13.65
C SER B 71 14.95 -10.62 13.28
N THR B 72 14.82 -11.72 12.53
CA THR B 72 13.51 -12.20 12.13
C THR B 72 12.72 -12.78 13.29
N GLY B 73 13.37 -13.08 14.41
CA GLY B 73 12.69 -13.59 15.57
C GLY B 73 11.85 -14.82 15.30
N GLN B 74 12.33 -15.69 14.41
CA GLN B 74 11.62 -16.90 14.06
C GLN B 74 12.04 -18.06 14.96
N SER B 75 11.26 -19.13 14.91
CA SER B 75 11.60 -20.35 15.63
C SER B 75 12.85 -20.97 15.01
N VAL B 76 13.81 -21.33 15.85
CA VAL B 76 15.07 -21.92 15.41
C VAL B 76 15.50 -22.97 16.41
N ARG B 77 16.26 -23.94 15.92
CA ARG B 77 16.82 -25.01 16.75
C ARG B 77 18.31 -24.73 16.92
N ILE B 78 18.67 -24.16 18.05
CA ILE B 78 20.07 -23.88 18.36
C ILE B 78 20.69 -25.13 18.96
N HIS B 79 21.93 -25.41 18.58
CA HIS B 79 22.68 -26.56 19.08
C HIS B 79 23.80 -26.04 19.96
N VAL B 80 23.74 -26.38 21.26
CA VAL B 80 24.69 -25.91 22.24
C VAL B 80 25.45 -27.11 22.79
N GLN B 81 26.66 -26.84 23.29
CA GLN B 81 27.49 -27.85 23.93
C GLN B 81 27.66 -27.47 25.40
N LYS B 82 27.32 -28.39 26.29
CA LYS B 82 27.34 -28.09 27.72
C LYS B 82 28.77 -28.11 28.25
N ASN B 83 29.04 -27.22 29.21
CA ASN B 83 30.31 -27.21 29.93
C ASN B 83 31.48 -26.97 28.98
N ILE B 84 31.46 -25.83 28.32
CA ILE B 84 32.53 -25.41 27.42
C ILE B 84 33.29 -24.21 27.96
N TRP B 85 32.58 -23.23 28.53
CA TRP B 85 33.22 -22.05 29.09
C TRP B 85 33.46 -22.25 30.58
N THR B 86 34.63 -21.81 31.04
CA THR B 86 35.06 -22.01 32.42
C THR B 86 35.33 -20.72 33.17
N TYR B 87 35.31 -19.56 32.51
CA TYR B 87 35.56 -18.30 33.20
C TYR B 87 34.51 -18.08 34.28
N PRO B 88 34.88 -17.85 35.54
CA PRO B 88 33.88 -17.83 36.61
C PRO B 88 32.78 -16.80 36.38
N LEU B 89 33.13 -15.53 36.24
CA LEU B 89 32.13 -14.49 36.11
C LEU B 89 31.37 -14.60 34.79
N PHE B 90 31.88 -15.36 33.83
CA PHE B 90 31.19 -15.53 32.56
C PHE B 90 30.07 -16.55 32.67
N VAL B 91 30.40 -17.79 33.05
CA VAL B 91 29.39 -18.84 33.17
C VAL B 91 28.25 -18.40 34.07
N ASN B 92 28.56 -17.61 35.11
CA ASN B 92 27.50 -17.12 35.98
C ASN B 92 26.65 -16.08 35.28
N THR B 93 27.21 -15.39 34.27
CA THR B 93 26.45 -14.36 33.58
C THR B 93 25.56 -14.96 32.49
N PHE B 94 26.17 -15.59 31.48
CA PHE B 94 25.41 -16.08 30.33
C PHE B 94 25.02 -17.55 30.50
N SER B 95 26.01 -18.43 30.52
CA SER B 95 25.77 -19.87 30.61
C SER B 95 27.10 -20.60 30.58
N ALA B 96 27.06 -21.90 30.86
CA ALA B 96 28.16 -22.79 30.58
C ALA B 96 28.09 -23.39 29.19
N ASN B 97 26.98 -23.16 28.46
CA ASN B 97 26.80 -23.72 27.15
C ASN B 97 27.52 -22.88 26.09
N ALA B 98 27.75 -23.48 24.93
CA ALA B 98 28.44 -22.83 23.83
C ALA B 98 27.70 -23.16 22.55
N LEU B 99 27.11 -22.14 21.91
CA LEU B 99 26.42 -22.36 20.65
C LEU B 99 27.36 -22.95 19.62
N VAL B 100 26.86 -23.92 18.85
CA VAL B 100 27.65 -24.57 17.82
C VAL B 100 26.93 -24.63 16.48
N GLY B 101 25.68 -24.17 16.40
CA GLY B 101 24.96 -24.20 15.15
C GLY B 101 23.47 -23.99 15.33
N LEU B 102 22.87 -23.20 14.43
CA LEU B 102 21.45 -22.91 14.45
C LEU B 102 20.77 -23.56 13.26
N SER B 103 19.44 -23.50 13.26
CA SER B 103 18.67 -24.08 12.17
C SER B 103 17.25 -23.52 12.22
N SER B 104 16.68 -23.24 11.06
CA SER B 104 15.32 -22.74 11.00
C SER B 104 14.35 -23.83 11.42
N CYS B 105 13.25 -23.41 12.05
CA CYS B 105 12.20 -24.32 12.50
C CYS B 105 10.89 -23.93 11.84
N SER B 106 10.25 -24.89 11.19
CA SER B 106 8.93 -24.69 10.61
C SER B 106 7.88 -24.95 11.68
N ALA B 107 6.61 -25.07 11.26
CA ALA B 107 5.53 -25.30 12.20
C ALA B 107 5.81 -26.53 13.07
N THR B 108 6.09 -27.66 12.44
CA THR B 108 6.24 -28.93 13.15
C THR B 108 7.70 -29.38 13.23
N GLN B 109 8.38 -29.50 12.10
CA GLN B 109 9.70 -30.13 12.04
C GLN B 109 10.80 -29.08 12.02
N CYS B 110 11.78 -29.23 12.90
CA CYS B 110 12.95 -28.34 12.94
C CYS B 110 14.04 -28.96 12.07
N PHE B 111 14.18 -28.46 10.85
CA PHE B 111 15.19 -28.98 9.95
C PHE B 111 16.58 -28.82 10.55
N GLY B 112 17.32 -29.93 10.60
CA GLY B 112 18.65 -29.93 11.16
C GLY B 112 18.98 -31.25 11.83
N PRO B 113 20.09 -31.29 12.55
CA PRO B 113 20.47 -32.52 13.26
C PRO B 113 19.74 -32.65 14.58
N LYS B 114 19.68 -33.90 15.05
CA LYS B 114 18.98 -34.21 16.29
C LYS B 114 19.19 -35.68 16.67
N GLU C 1 -54.38 1.73 -9.55
CA GLU C 1 -52.94 1.61 -9.92
C GLU C 1 -52.38 2.96 -10.38
N VAL C 2 -51.06 3.07 -10.43
CA VAL C 2 -50.40 4.29 -10.86
C VAL C 2 -50.68 4.51 -12.33
N GLN C 3 -51.39 5.60 -12.64
CA GLN C 3 -51.72 5.94 -14.03
C GLN C 3 -51.65 7.44 -14.20
N LEU C 4 -51.59 7.88 -15.45
CA LEU C 4 -51.49 9.28 -15.82
C LEU C 4 -52.64 9.60 -16.78
N GLN C 5 -53.79 9.98 -16.23
CA GLN C 5 -54.95 10.34 -17.03
C GLN C 5 -54.68 11.66 -17.73
N GLN C 6 -54.37 11.61 -19.03
CA GLN C 6 -54.09 12.81 -19.80
C GLN C 6 -55.39 13.50 -20.19
N SER C 7 -55.25 14.63 -20.88
CA SER C 7 -56.38 15.34 -21.43
C SER C 7 -56.75 14.78 -22.80
N GLY C 8 -57.91 15.18 -23.30
CA GLY C 8 -58.37 14.75 -24.60
C GLY C 8 -57.65 15.48 -25.71
N PRO C 9 -57.70 14.93 -26.93
CA PRO C 9 -57.07 15.61 -28.06
C PRO C 9 -57.64 17.02 -28.23
N VAL C 10 -56.78 17.93 -28.70
CA VAL C 10 -57.15 19.33 -28.86
C VAL C 10 -56.63 19.82 -30.21
N LEU C 11 -57.52 20.40 -31.01
CA LEU C 11 -57.16 21.06 -32.25
C LEU C 11 -57.10 22.55 -32.02
N VAL C 12 -56.03 23.19 -32.50
CA VAL C 12 -55.72 24.56 -32.15
C VAL C 12 -55.80 25.44 -33.40
N LYS C 13 -55.86 26.75 -33.15
CA LYS C 13 -55.82 27.77 -34.19
C LYS C 13 -54.39 27.90 -34.70
N PRO C 14 -54.10 28.79 -35.65
CA PRO C 14 -52.70 29.04 -36.01
C PRO C 14 -51.93 29.78 -34.93
N GLY C 15 -51.07 29.06 -34.21
CA GLY C 15 -50.17 29.65 -33.25
C GLY C 15 -50.80 30.28 -32.02
N PRO C 16 -51.77 29.60 -31.40
CA PRO C 16 -52.26 30.06 -30.09
C PRO C 16 -51.48 29.43 -28.94
N SER C 17 -51.90 29.72 -27.72
CA SER C 17 -51.35 29.08 -26.53
C SER C 17 -52.32 28.00 -26.06
N VAL C 18 -51.86 26.75 -26.03
CA VAL C 18 -52.70 25.62 -25.67
C VAL C 18 -52.19 25.03 -24.37
N LYS C 19 -53.10 24.37 -23.64
CA LYS C 19 -52.81 23.77 -22.36
C LYS C 19 -53.07 22.28 -22.43
N ILE C 20 -52.13 21.48 -21.91
CA ILE C 20 -52.25 20.02 -21.90
C ILE C 20 -52.11 19.59 -20.45
N SER C 21 -53.25 19.36 -19.78
CA SER C 21 -53.23 18.89 -18.41
C SER C 21 -52.83 17.42 -18.37
N CYS C 22 -52.23 17.01 -17.25
CA CYS C 22 -51.79 15.63 -17.04
C CYS C 22 -52.17 15.24 -15.61
N LYS C 23 -53.36 14.65 -15.46
CA LYS C 23 -53.85 14.24 -14.14
C LYS C 23 -53.03 13.06 -13.65
N ALA C 24 -52.19 13.29 -12.64
CA ALA C 24 -51.38 12.24 -12.04
C ALA C 24 -52.16 11.64 -10.87
N SER C 25 -52.56 10.38 -11.00
CA SER C 25 -53.35 9.68 -10.00
C SER C 25 -52.71 8.35 -9.68
N GLY C 26 -52.72 7.98 -8.40
CA GLY C 26 -52.22 6.70 -7.95
C GLY C 26 -50.92 6.75 -7.18
N TYR C 27 -50.35 7.92 -6.94
CA TYR C 27 -49.07 8.02 -6.26
C TYR C 27 -48.92 9.44 -5.73
N SER C 28 -47.84 9.65 -4.96
CA SER C 28 -47.53 10.97 -4.42
C SER C 28 -46.95 11.85 -5.52
N PHE C 29 -47.82 12.64 -6.17
CA PHE C 29 -47.37 13.46 -7.29
C PHE C 29 -46.31 14.47 -6.87
N ILE C 30 -46.32 14.88 -5.61
CA ILE C 30 -45.42 15.94 -5.13
C ILE C 30 -44.02 15.37 -4.92
N ASP C 31 -43.84 14.07 -5.14
CA ASP C 31 -42.59 13.40 -4.84
C ASP C 31 -41.71 13.15 -6.07
N TYR C 32 -42.28 13.13 -7.26
CA TYR C 32 -41.56 12.74 -8.47
C TYR C 32 -41.60 13.85 -9.51
N PHE C 33 -40.67 13.78 -10.45
CA PHE C 33 -40.59 14.74 -11.54
C PHE C 33 -41.50 14.31 -12.67
N MET C 34 -42.40 15.22 -13.08
CA MET C 34 -43.28 14.97 -14.22
C MET C 34 -42.60 15.47 -15.48
N ASN C 35 -42.41 14.58 -16.45
CA ASN C 35 -41.75 14.92 -17.70
C ASN C 35 -42.80 15.21 -18.78
N TRP C 36 -42.31 15.52 -19.98
CA TRP C 36 -43.19 15.82 -21.10
C TRP C 36 -42.46 15.48 -22.39
N VAL C 37 -43.02 14.56 -23.16
CA VAL C 37 -42.42 14.08 -24.40
C VAL C 37 -43.40 14.30 -25.55
N MET C 38 -42.89 14.76 -26.68
CA MET C 38 -43.67 14.92 -27.90
C MET C 38 -43.14 13.95 -28.96
N GLN C 39 -44.05 13.26 -29.63
CA GLN C 39 -43.70 12.31 -30.68
C GLN C 39 -44.58 12.59 -31.89
N SER C 40 -43.95 12.97 -33.00
CA SER C 40 -44.70 13.23 -34.21
C SER C 40 -45.47 11.98 -34.63
N HIS C 41 -46.37 12.16 -35.60
CA HIS C 41 -47.22 11.06 -36.03
C HIS C 41 -46.42 9.84 -36.46
N GLY C 42 -45.16 10.03 -36.87
CA GLY C 42 -44.34 8.91 -37.29
C GLY C 42 -42.89 9.01 -36.87
N LYS C 43 -42.52 10.06 -36.13
CA LYS C 43 -41.14 10.26 -35.72
C LYS C 43 -40.91 9.66 -34.33
N SER C 44 -39.69 9.83 -33.83
CA SER C 44 -39.31 9.29 -32.53
C SER C 44 -39.79 10.21 -31.43
N LEU C 45 -39.33 9.96 -30.20
CA LEU C 45 -39.72 10.76 -29.04
C LEU C 45 -38.79 11.94 -28.87
N GLU C 46 -39.31 13.01 -28.26
CA GLU C 46 -38.53 14.21 -27.99
C GLU C 46 -39.00 14.77 -26.64
N TRP C 47 -38.18 14.58 -25.61
CA TRP C 47 -38.51 15.06 -24.28
C TRP C 47 -38.40 16.58 -24.24
N ILE C 48 -39.44 17.23 -23.73
CA ILE C 48 -39.51 18.69 -23.71
C ILE C 48 -38.86 19.22 -22.45
N GLY C 49 -39.40 18.87 -21.30
CA GLY C 49 -38.92 19.41 -20.05
C GLY C 49 -39.29 18.53 -18.88
N ARG C 50 -39.15 19.11 -17.69
CA ARG C 50 -39.53 18.45 -16.44
C ARG C 50 -40.09 19.50 -15.48
N ILE C 51 -40.70 19.02 -14.40
CA ILE C 51 -41.24 19.91 -13.39
C ILE C 51 -41.18 19.21 -12.04
N ASP C 52 -40.51 19.83 -11.08
CA ASP C 52 -40.47 19.30 -9.72
C ASP C 52 -41.62 19.91 -8.92
N PRO C 53 -42.73 19.17 -8.75
CA PRO C 53 -43.91 19.80 -8.15
C PRO C 53 -43.67 20.34 -6.74
N TYR C 54 -42.83 19.68 -5.94
CA TYR C 54 -42.60 20.15 -4.58
C TYR C 54 -42.08 21.59 -4.59
N SER C 55 -41.07 21.86 -5.42
CA SER C 55 -40.44 23.17 -5.47
C SER C 55 -40.69 23.91 -6.78
N GLY C 56 -41.36 23.29 -7.74
CA GLY C 56 -41.61 23.94 -9.02
C GLY C 56 -40.40 24.04 -9.93
N ASP C 57 -39.26 23.45 -9.55
CA ASP C 57 -38.09 23.48 -10.40
C ASP C 57 -38.44 22.95 -11.78
N THR C 58 -37.81 23.53 -12.80
CA THR C 58 -38.13 23.21 -14.18
C THR C 58 -36.86 23.17 -15.02
N PHE C 59 -36.78 22.17 -15.89
CA PHE C 59 -35.66 22.02 -16.82
C PHE C 59 -36.22 21.66 -18.18
N TYR C 60 -35.94 22.48 -19.20
CA TYR C 60 -36.43 22.26 -20.53
C TYR C 60 -35.35 21.65 -21.41
N ASN C 61 -35.71 21.36 -22.67
CA ASN C 61 -34.80 20.78 -23.63
C ASN C 61 -33.98 21.83 -24.38
N GLN C 62 -34.02 23.08 -23.94
CA GLN C 62 -33.28 24.18 -24.55
C GLN C 62 -33.74 24.49 -25.97
N LYS C 63 -34.80 23.85 -26.45
CA LYS C 63 -35.39 24.20 -27.74
C LYS C 63 -36.91 24.32 -27.71
N PHE C 64 -37.58 23.83 -26.66
CA PHE C 64 -39.01 24.04 -26.48
C PHE C 64 -39.32 25.22 -25.58
N LYS C 65 -38.30 25.97 -25.15
CA LYS C 65 -38.52 27.08 -24.24
C LYS C 65 -39.54 28.06 -24.81
N GLY C 66 -39.30 28.54 -26.03
CA GLY C 66 -40.19 29.47 -26.67
C GLY C 66 -41.53 28.89 -27.11
N LYS C 67 -41.76 27.60 -26.88
CA LYS C 67 -43.03 26.98 -27.25
C LYS C 67 -43.53 26.02 -26.19
N ALA C 68 -43.05 26.12 -24.96
CA ALA C 68 -43.51 25.26 -23.87
C ALA C 68 -43.09 25.81 -22.52
N THR C 69 -44.05 25.99 -21.62
CA THR C 69 -43.79 26.47 -20.26
C THR C 69 -44.48 25.52 -19.29
N LEU C 70 -43.71 24.61 -18.70
CA LEU C 70 -44.26 23.64 -17.78
C LEU C 70 -44.75 24.30 -16.50
N THR C 71 -45.78 23.72 -15.90
CA THR C 71 -46.34 24.22 -14.65
C THR C 71 -47.29 23.17 -14.10
N VAL C 72 -47.31 23.01 -12.78
CA VAL C 72 -48.13 22.03 -12.11
C VAL C 72 -48.94 22.71 -11.02
N ASP C 73 -49.87 21.96 -10.44
CA ASP C 73 -50.65 22.41 -9.29
C ASP C 73 -50.70 21.25 -8.30
N LYS C 74 -49.96 21.37 -7.20
CA LYS C 74 -49.92 20.30 -6.21
C LYS C 74 -51.33 19.82 -5.87
N SER C 75 -52.29 20.74 -5.75
CA SER C 75 -53.68 20.36 -5.57
C SER C 75 -54.21 19.73 -6.85
N SER C 76 -54.89 18.60 -6.72
CA SER C 76 -55.46 17.79 -7.79
C SER C 76 -54.40 16.98 -8.53
N THR C 77 -53.11 17.17 -8.23
CA THR C 77 -52.03 16.38 -8.83
C THR C 77 -52.15 16.38 -10.36
N THR C 78 -52.01 17.57 -10.94
CA THR C 78 -52.10 17.74 -12.39
C THR C 78 -50.93 18.58 -12.87
N ALA C 79 -50.36 18.21 -14.02
CA ALA C 79 -49.26 18.92 -14.63
C ALA C 79 -49.73 19.57 -15.92
N HIS C 80 -49.65 20.89 -15.99
CA HIS C 80 -50.09 21.65 -17.16
C HIS C 80 -48.89 22.02 -18.01
N MET C 81 -49.01 21.82 -19.33
CA MET C 81 -47.97 22.14 -20.29
C MET C 81 -48.52 23.22 -21.22
N GLU C 82 -48.23 24.48 -20.88
CA GLU C 82 -48.65 25.60 -21.71
C GLU C 82 -47.68 25.74 -22.88
N LEU C 83 -48.13 25.35 -24.07
CA LEU C 83 -47.33 25.44 -25.28
C LEU C 83 -47.72 26.68 -26.06
N ARG C 84 -46.72 27.44 -26.50
CA ARG C 84 -46.93 28.66 -27.25
C ARG C 84 -46.44 28.48 -28.68
N SER C 85 -47.01 29.27 -29.58
CA SER C 85 -46.68 29.25 -31.00
C SER C 85 -46.84 27.82 -31.56
N LEU C 86 -48.09 27.35 -31.52
CA LEU C 86 -48.42 26.00 -31.99
C LEU C 86 -48.39 25.99 -33.51
N ALA C 87 -47.18 25.95 -34.05
CA ALA C 87 -47.00 25.90 -35.50
C ALA C 87 -47.38 24.52 -36.02
N SER C 88 -47.41 24.41 -37.35
CA SER C 88 -47.75 23.13 -37.98
C SER C 88 -46.79 22.03 -37.53
N GLU C 89 -45.54 22.38 -37.22
CA GLU C 89 -44.59 21.39 -36.76
C GLU C 89 -44.92 20.88 -35.36
N ASP C 90 -45.64 21.66 -34.56
CA ASP C 90 -46.06 21.24 -33.23
C ASP C 90 -47.23 20.28 -33.25
N SER C 91 -47.68 19.85 -34.43
CA SER C 91 -48.79 18.91 -34.55
C SER C 91 -48.26 17.52 -34.24
N ALA C 92 -48.49 17.06 -33.01
CA ALA C 92 -48.02 15.75 -32.57
C ALA C 92 -48.77 15.38 -31.30
N VAL C 93 -48.40 14.24 -30.73
CA VAL C 93 -48.97 13.76 -29.48
C VAL C 93 -47.97 14.04 -28.37
N TYR C 94 -48.43 14.71 -27.31
CA TYR C 94 -47.58 15.10 -26.19
C TYR C 94 -47.84 14.15 -25.03
N TYR C 95 -46.82 13.39 -24.64
CA TYR C 95 -46.92 12.47 -23.52
C TYR C 95 -46.35 13.10 -22.27
N CYS C 96 -46.95 12.76 -21.13
CA CYS C 96 -46.44 13.12 -19.81
C CYS C 96 -46.14 11.85 -19.04
N ALA C 97 -44.97 11.82 -18.40
CA ALA C 97 -44.53 10.62 -17.69
C ALA C 97 -43.85 11.02 -16.39
N ARG C 98 -44.15 10.27 -15.34
CA ARG C 98 -43.54 10.51 -14.03
C ARG C 98 -42.15 9.89 -14.01
N GLU C 99 -41.15 10.70 -13.74
CA GLU C 99 -39.78 10.21 -13.60
C GLU C 99 -39.58 9.69 -12.17
N VAL C 100 -39.15 8.43 -12.06
CA VAL C 100 -38.99 7.83 -10.73
C VAL C 100 -38.03 8.67 -9.89
N LEU C 101 -36.81 8.86 -10.38
CA LEU C 101 -35.80 9.67 -9.71
C LEU C 101 -35.29 10.73 -10.67
N ASN C 102 -34.77 11.81 -10.10
CA ASN C 102 -34.12 12.83 -10.91
C ASN C 102 -33.11 12.18 -11.84
N TYR C 103 -33.21 12.49 -13.13
CA TYR C 103 -32.33 11.90 -14.13
C TYR C 103 -32.45 10.37 -14.11
N TYR C 104 -33.65 9.90 -14.43
CA TYR C 104 -33.97 8.48 -14.41
C TYR C 104 -35.01 8.22 -15.48
N ALA C 105 -35.20 6.93 -15.77
CA ALA C 105 -36.25 6.54 -16.72
C ALA C 105 -37.61 7.01 -16.24
N MET C 106 -38.59 6.96 -17.14
CA MET C 106 -39.96 7.39 -16.86
C MET C 106 -40.82 6.14 -16.81
N ASP C 107 -41.17 5.71 -15.59
CA ASP C 107 -41.89 4.45 -15.41
C ASP C 107 -43.26 4.49 -16.08
N TYR C 108 -44.13 5.41 -15.63
CA TYR C 108 -45.50 5.48 -16.08
C TYR C 108 -45.68 6.68 -17.00
N TRP C 109 -46.31 6.44 -18.15
CA TRP C 109 -46.58 7.48 -19.14
C TRP C 109 -48.08 7.70 -19.26
N GLY C 110 -48.44 8.68 -20.09
CA GLY C 110 -49.83 8.97 -20.38
C GLY C 110 -50.26 8.37 -21.72
N GLN C 111 -51.58 8.31 -21.91
CA GLN C 111 -52.10 7.76 -23.15
C GLN C 111 -51.81 8.63 -24.35
N GLY C 112 -51.52 9.91 -24.14
CA GLY C 112 -51.17 10.81 -25.23
C GLY C 112 -52.24 11.86 -25.43
N THR C 113 -51.79 13.04 -25.89
CA THR C 113 -52.68 14.18 -26.17
C THR C 113 -52.38 14.65 -27.59
N SER C 114 -53.08 14.07 -28.56
CA SER C 114 -52.86 14.39 -29.96
C SER C 114 -53.25 15.84 -30.22
N VAL C 115 -52.27 16.68 -30.51
CA VAL C 115 -52.49 18.09 -30.84
C VAL C 115 -52.29 18.26 -32.33
N THR C 116 -53.18 19.04 -32.95
CA THR C 116 -53.14 19.26 -34.39
C THR C 116 -53.52 20.70 -34.70
N VAL C 117 -52.90 21.25 -35.72
CA VAL C 117 -53.16 22.62 -36.17
C VAL C 117 -53.99 22.57 -37.44
N SER C 118 -54.78 23.62 -37.66
CA SER C 118 -55.62 23.71 -38.83
C SER C 118 -56.13 25.13 -39.03
N GLU D 1 35.20 -27.32 -13.42
CA GLU D 1 34.86 -26.99 -12.04
C GLU D 1 34.04 -25.71 -11.98
N TRP D 2 32.74 -25.83 -12.24
CA TRP D 2 31.85 -24.67 -12.24
C TRP D 2 30.44 -25.15 -11.92
N THR D 3 29.71 -24.34 -11.15
CA THR D 3 28.38 -24.72 -10.70
C THR D 3 27.49 -25.18 -11.83
N GLY D 4 27.73 -24.72 -13.06
CA GLY D 4 26.92 -25.08 -14.20
C GLY D 4 27.34 -26.32 -14.94
N ASP D 5 28.39 -27.02 -14.47
CA ASP D 5 28.85 -28.24 -15.12
C ASP D 5 27.71 -29.23 -15.25
N ASN D 6 27.80 -30.14 -16.23
CA ASN D 6 26.76 -31.14 -16.42
C ASN D 6 26.67 -32.10 -15.23
N THR D 7 27.73 -32.19 -14.42
CA THR D 7 27.73 -33.09 -13.27
C THR D 7 27.04 -32.50 -12.05
N ASN D 8 26.69 -31.21 -12.08
CA ASN D 8 26.03 -30.56 -10.96
C ASN D 8 24.54 -30.42 -11.28
N ALA D 9 23.71 -31.11 -10.51
CA ALA D 9 22.27 -31.05 -10.72
C ALA D 9 21.70 -29.73 -10.20
N TYR D 10 20.65 -29.27 -10.86
CA TYR D 10 19.98 -28.02 -10.51
C TYR D 10 18.50 -28.28 -10.28
N TYR D 11 17.95 -27.64 -9.26
CA TYR D 11 16.54 -27.75 -8.91
C TYR D 11 15.91 -26.36 -9.00
N SER D 12 15.12 -26.14 -10.04
CA SER D 12 14.51 -24.84 -10.29
C SER D 12 13.23 -24.67 -9.49
N ASP D 13 12.72 -23.43 -9.49
CA ASP D 13 11.49 -23.08 -8.78
C ASP D 13 11.56 -23.40 -7.30
N GLU D 14 12.76 -23.52 -6.74
CA GLU D 14 12.94 -23.86 -5.35
C GLU D 14 13.01 -22.59 -4.49
N VAL D 15 12.40 -22.67 -3.31
CA VAL D 15 12.50 -21.61 -2.31
C VAL D 15 13.12 -22.21 -1.06
N ILE D 16 14.06 -21.48 -0.47
CA ILE D 16 14.74 -21.97 0.73
C ILE D 16 13.77 -21.85 1.90
N SER D 17 13.10 -22.95 2.22
CA SER D 17 12.13 -22.94 3.31
C SER D 17 12.82 -22.92 4.67
N GLU D 18 13.88 -23.71 4.82
CA GLU D 18 14.65 -23.77 6.05
C GLU D 18 16.12 -23.52 5.74
N LEU D 19 16.84 -23.06 6.75
CA LEU D 19 18.27 -22.79 6.64
C LEU D 19 18.96 -23.23 7.92
N HIS D 20 20.10 -23.89 7.79
CA HIS D 20 20.86 -24.40 8.91
C HIS D 20 22.30 -23.92 8.82
N VAL D 21 22.93 -23.72 9.97
CA VAL D 21 24.33 -23.33 10.06
C VAL D 21 24.94 -24.00 11.27
N GLY D 22 26.23 -24.25 11.21
CA GLY D 22 26.93 -24.90 12.30
C GLY D 22 28.42 -25.08 12.04
N GLN D 23 28.94 -26.25 12.34
CA GLN D 23 30.34 -26.56 12.09
C GLN D 23 30.50 -28.07 11.94
N ILE D 24 31.51 -28.46 11.17
CA ILE D 24 31.83 -29.87 10.98
C ILE D 24 33.29 -29.97 10.54
N ASP D 25 34.04 -30.89 11.15
CA ASP D 25 35.47 -31.03 10.87
C ASP D 25 36.20 -29.72 11.12
N THR D 26 35.80 -29.00 12.18
CA THR D 26 36.38 -27.71 12.53
C THR D 26 36.30 -26.74 11.34
N SER D 27 35.11 -26.63 10.77
CA SER D 27 34.87 -25.75 9.64
C SER D 27 33.39 -25.44 9.53
N PRO D 28 32.99 -24.17 9.48
CA PRO D 28 31.56 -23.86 9.41
C PRO D 28 30.91 -24.47 8.17
N TYR D 29 29.59 -24.54 8.21
CA TYR D 29 28.83 -25.10 7.11
C TYR D 29 27.39 -24.60 7.22
N PHE D 30 26.65 -24.75 6.13
CA PHE D 30 25.24 -24.38 6.13
C PHE D 30 24.50 -25.31 5.18
N CYS D 31 23.32 -25.76 5.61
CA CYS D 31 22.46 -26.63 4.82
C CYS D 31 21.11 -25.94 4.62
N ILE D 32 20.62 -25.94 3.38
CA ILE D 32 19.35 -25.35 3.03
C ILE D 32 18.40 -26.45 2.60
N LYS D 33 17.25 -26.53 3.25
CA LYS D 33 16.21 -27.50 2.91
C LYS D 33 15.16 -26.76 2.09
N THR D 34 15.37 -26.73 0.78
CA THR D 34 14.51 -25.99 -0.12
C THR D 34 13.30 -26.80 -0.52
N VAL D 35 12.22 -26.11 -0.83
CA VAL D 35 11.00 -26.71 -1.36
C VAL D 35 10.56 -25.91 -2.57
N LYS D 36 9.71 -26.51 -3.38
CA LYS D 36 9.21 -25.81 -4.56
C LYS D 36 8.38 -24.61 -4.15
N ALA D 37 8.49 -23.53 -4.94
CA ALA D 37 7.79 -22.30 -4.60
C ALA D 37 6.30 -22.52 -4.42
N ASN D 38 5.74 -23.52 -5.11
CA ASN D 38 4.33 -23.85 -5.01
C ASN D 38 4.07 -25.00 -4.05
N GLY D 39 5.02 -25.30 -3.16
CA GLY D 39 4.86 -26.36 -2.20
C GLY D 39 4.91 -27.76 -2.75
N SER D 40 5.05 -27.92 -4.06
CA SER D 40 5.10 -29.24 -4.68
C SER D 40 6.51 -29.82 -4.55
N GLY D 41 6.76 -30.91 -5.27
CA GLY D 41 8.09 -31.50 -5.29
C GLY D 41 8.47 -32.16 -3.98
N THR D 42 9.75 -32.51 -3.91
CA THR D 42 10.34 -33.19 -2.76
C THR D 42 11.33 -32.26 -2.06
N PRO D 43 11.44 -32.33 -0.73
CA PRO D 43 12.42 -31.48 -0.05
C PRO D 43 13.83 -31.68 -0.57
N VAL D 44 14.39 -30.65 -1.18
CA VAL D 44 15.74 -30.68 -1.72
C VAL D 44 16.66 -30.02 -0.71
N VAL D 45 17.51 -30.83 -0.07
CA VAL D 45 18.42 -30.35 0.97
C VAL D 45 19.81 -30.22 0.35
N ALA D 46 20.36 -29.00 0.39
CA ALA D 46 21.66 -28.70 -0.18
C ALA D 46 22.55 -28.13 0.91
N CYS D 47 23.77 -28.65 0.99
CA CYS D 47 24.73 -28.25 2.03
C CYS D 47 25.98 -27.67 1.39
N ALA D 48 26.82 -27.09 2.25
CA ALA D 48 28.13 -26.59 1.83
C ALA D 48 28.98 -26.30 3.06
N VAL D 49 30.17 -26.89 3.11
CA VAL D 49 31.09 -26.69 4.23
C VAL D 49 32.15 -25.70 3.81
N SER D 50 32.73 -25.02 4.80
CA SER D 50 33.64 -23.93 4.54
C SER D 50 35.04 -24.39 4.12
N LYS D 51 35.41 -25.63 4.44
CA LYS D 51 36.76 -26.09 4.17
C LYS D 51 36.85 -27.50 3.59
N GLN D 52 35.73 -28.22 3.46
CA GLN D 52 35.82 -29.63 3.11
C GLN D 52 35.98 -29.83 1.59
N SER D 53 35.00 -29.40 0.81
CA SER D 53 34.93 -29.73 -0.60
C SER D 53 35.54 -28.62 -1.44
N ILE D 54 35.66 -28.90 -2.75
CA ILE D 54 36.24 -27.96 -3.69
C ILE D 54 35.45 -26.66 -3.74
N TRP D 55 34.17 -26.70 -3.36
CA TRP D 55 33.32 -25.51 -3.38
C TRP D 55 33.49 -24.66 -2.13
N ALA D 56 34.49 -24.96 -1.31
CA ALA D 56 34.71 -24.16 -0.10
C ALA D 56 34.90 -22.68 -0.38
N PRO D 57 35.67 -22.27 -1.39
CA PRO D 57 35.87 -20.82 -1.61
C PRO D 57 34.58 -20.03 -1.70
N SER D 58 33.52 -20.62 -2.23
CA SER D 58 32.24 -19.94 -2.39
C SER D 58 31.37 -19.99 -1.13
N PHE D 59 31.79 -20.73 -0.11
CA PHE D 59 31.00 -20.83 1.11
C PHE D 59 30.67 -19.45 1.66
N LYS D 60 31.70 -18.64 1.93
CA LYS D 60 31.47 -17.31 2.49
C LYS D 60 30.50 -16.50 1.65
N GLU D 61 30.41 -16.79 0.35
CA GLU D 61 29.55 -16.04 -0.55
C GLU D 61 28.27 -16.79 -0.91
N LEU D 62 28.21 -18.10 -0.64
CA LEU D 62 26.96 -18.84 -0.79
C LEU D 62 26.10 -18.72 0.45
N LEU D 63 26.70 -18.91 1.63
CA LEU D 63 25.96 -18.73 2.88
C LEU D 63 25.28 -17.37 2.92
N ASP D 64 26.00 -16.31 2.58
CA ASP D 64 25.39 -14.98 2.55
C ASP D 64 24.28 -14.91 1.51
N GLN D 65 24.39 -15.70 0.43
CA GLN D 65 23.33 -15.72 -0.58
C GLN D 65 22.21 -16.67 -0.15
N ALA D 66 22.56 -17.83 0.39
CA ALA D 66 21.54 -18.72 0.95
C ALA D 66 20.79 -18.03 2.06
N ARG D 67 21.51 -17.31 2.93
CA ARG D 67 20.86 -16.56 3.99
C ARG D 67 19.96 -15.46 3.42
N TYR D 68 20.47 -14.73 2.43
CA TYR D 68 19.67 -13.68 1.79
C TYR D 68 18.41 -14.29 1.18
N PHE D 69 18.58 -15.23 0.25
CA PHE D 69 17.43 -15.87 -0.39
C PHE D 69 16.48 -16.45 0.65
N TYR D 70 17.03 -17.08 1.70
CA TYR D 70 16.19 -17.65 2.74
C TYR D 70 15.32 -16.57 3.37
N SER D 71 15.88 -15.39 3.64
CA SER D 71 15.10 -14.30 4.20
C SER D 71 13.98 -13.90 3.26
N THR D 72 14.26 -13.86 1.96
CA THR D 72 13.25 -13.46 0.98
C THR D 72 12.31 -14.61 0.63
N GLY D 73 12.78 -15.85 0.73
CA GLY D 73 11.95 -16.98 0.37
C GLY D 73 11.55 -17.02 -1.09
N GLN D 74 12.22 -16.24 -1.94
CA GLN D 74 11.87 -16.20 -3.35
C GLN D 74 12.36 -17.46 -4.06
N SER D 75 11.70 -17.77 -5.17
CA SER D 75 12.09 -18.92 -5.97
C SER D 75 13.54 -18.75 -6.45
N VAL D 76 14.31 -19.83 -6.37
CA VAL D 76 15.70 -19.83 -6.81
C VAL D 76 16.04 -21.22 -7.32
N ARG D 77 17.03 -21.28 -8.20
CA ARG D 77 17.52 -22.54 -8.75
C ARG D 77 18.81 -22.90 -8.03
N ILE D 78 18.71 -23.80 -7.05
CA ILE D 78 19.88 -24.23 -6.30
C ILE D 78 20.61 -25.30 -7.09
N HIS D 79 21.92 -25.16 -7.19
CA HIS D 79 22.78 -26.12 -7.88
C HIS D 79 23.50 -26.95 -6.83
N VAL D 80 23.51 -28.26 -7.03
CA VAL D 80 24.08 -29.20 -6.06
C VAL D 80 24.92 -30.23 -6.80
N GLN D 81 26.10 -30.52 -6.27
CA GLN D 81 26.92 -31.63 -6.74
C GLN D 81 26.64 -32.82 -5.83
N LYS D 82 25.82 -33.76 -6.32
CA LYS D 82 25.34 -34.84 -5.49
C LYS D 82 26.49 -35.77 -5.07
N ASN D 83 26.33 -36.37 -3.90
CA ASN D 83 27.27 -37.37 -3.40
C ASN D 83 28.67 -36.78 -3.24
N ILE D 84 28.76 -35.78 -2.37
CA ILE D 84 30.03 -35.10 -2.11
C ILE D 84 30.42 -35.28 -0.64
N TRP D 85 29.43 -35.45 0.22
CA TRP D 85 29.67 -35.68 1.64
C TRP D 85 29.55 -37.16 1.97
N THR D 86 30.38 -37.63 2.89
CA THR D 86 30.41 -39.04 3.27
C THR D 86 30.22 -39.31 4.75
N TYR D 87 30.37 -38.31 5.62
CA TYR D 87 30.15 -38.50 7.05
C TYR D 87 28.75 -39.05 7.27
N PRO D 88 28.61 -40.32 7.69
CA PRO D 88 27.26 -40.92 7.75
C PRO D 88 26.22 -40.06 8.45
N LEU D 89 26.51 -39.59 9.67
CA LEU D 89 25.52 -38.80 10.39
C LEU D 89 25.29 -37.44 9.74
N PHE D 90 26.16 -37.02 8.82
CA PHE D 90 25.95 -35.77 8.09
C PHE D 90 25.10 -36.00 6.85
N VAL D 91 25.54 -36.93 5.99
CA VAL D 91 24.79 -37.22 4.77
C VAL D 91 23.35 -37.62 5.11
N ASN D 92 23.17 -38.39 6.18
CA ASN D 92 21.84 -38.86 6.55
C ASN D 92 21.00 -37.77 7.21
N THR D 93 21.64 -36.77 7.83
CA THR D 93 20.89 -35.71 8.48
C THR D 93 20.26 -34.77 7.45
N PHE D 94 21.08 -34.10 6.66
CA PHE D 94 20.58 -33.12 5.68
C PHE D 94 20.42 -33.77 4.31
N SER D 95 21.53 -34.16 3.70
CA SER D 95 21.53 -34.84 2.41
C SER D 95 22.98 -35.07 2.00
N ALA D 96 23.16 -35.83 0.92
CA ALA D 96 24.46 -35.95 0.28
C ALA D 96 24.76 -34.78 -0.64
N ASN D 97 23.76 -33.97 -0.96
CA ASN D 97 23.95 -32.86 -1.89
C ASN D 97 24.94 -31.84 -1.32
N ALA D 98 25.53 -31.06 -2.21
CA ALA D 98 26.49 -30.02 -1.84
C ALA D 98 26.17 -28.78 -2.67
N LEU D 99 25.57 -27.78 -2.03
CA LEU D 99 25.22 -26.55 -2.73
C LEU D 99 26.44 -25.94 -3.39
N VAL D 100 26.41 -25.86 -4.72
CA VAL D 100 27.50 -25.28 -5.49
C VAL D 100 27.15 -23.89 -6.02
N GLY D 101 25.91 -23.44 -5.86
CA GLY D 101 25.51 -22.15 -6.35
C GLY D 101 24.01 -21.91 -6.32
N LEU D 102 23.62 -20.70 -5.95
CA LEU D 102 22.23 -20.27 -5.96
C LEU D 102 21.99 -19.32 -7.12
N SER D 103 20.72 -19.12 -7.47
CA SER D 103 20.38 -18.25 -8.58
C SER D 103 18.91 -17.88 -8.51
N SER D 104 18.63 -16.58 -8.60
CA SER D 104 17.25 -16.12 -8.59
C SER D 104 16.49 -16.67 -9.78
N CYS D 105 15.22 -16.97 -9.57
CA CYS D 105 14.36 -17.56 -10.58
C CYS D 105 13.18 -16.64 -10.87
N SER D 106 12.81 -16.57 -12.14
CA SER D 106 11.58 -15.89 -12.55
C SER D 106 10.45 -16.92 -12.57
N ALA D 107 9.31 -16.55 -13.16
CA ALA D 107 8.18 -17.47 -13.22
C ALA D 107 8.57 -18.77 -13.91
N THR D 108 9.06 -18.67 -15.15
CA THR D 108 9.47 -19.82 -15.94
C THR D 108 10.98 -19.93 -16.07
N GLN D 109 11.64 -18.84 -16.46
CA GLN D 109 13.08 -18.86 -16.68
C GLN D 109 13.82 -18.70 -15.35
N CYS D 110 14.72 -19.65 -15.07
CA CYS D 110 15.60 -19.57 -13.90
C CYS D 110 16.97 -19.09 -14.37
N PHE D 111 17.32 -17.86 -13.99
CA PHE D 111 18.58 -17.27 -14.43
C PHE D 111 19.74 -18.05 -13.83
N GLY D 112 20.44 -18.82 -14.67
CA GLY D 112 21.54 -19.63 -14.22
C GLY D 112 21.80 -20.79 -15.17
N PRO D 113 22.79 -21.61 -14.86
CA PRO D 113 23.12 -22.74 -15.73
C PRO D 113 22.13 -23.88 -15.58
N LYS D 114 21.96 -24.62 -16.66
CA LYS D 114 21.07 -25.77 -16.68
C LYS D 114 21.62 -26.87 -17.58
N GLU E 1 42.70 1.20 -16.30
CA GLU E 1 42.00 0.24 -15.46
C GLU E 1 41.16 0.95 -14.41
N TRP E 2 39.85 1.06 -14.68
CA TRP E 2 38.93 1.71 -13.76
C TRP E 2 37.51 1.48 -14.27
N THR E 3 36.58 1.38 -13.33
CA THR E 3 35.19 1.07 -13.69
C THR E 3 34.63 2.01 -14.75
N GLY E 4 35.23 3.19 -14.90
CA GLY E 4 34.72 4.18 -15.84
C GLY E 4 35.57 4.29 -17.10
N ASP E 5 36.40 3.30 -17.38
CA ASP E 5 37.20 3.31 -18.60
C ASP E 5 36.28 3.36 -19.81
N ASN E 6 36.73 4.08 -20.85
CA ASN E 6 35.97 4.13 -22.09
C ASN E 6 35.73 2.75 -22.67
N THR E 7 36.57 1.77 -22.33
CA THR E 7 36.41 0.41 -22.81
C THR E 7 35.46 -0.42 -21.94
N ASN E 8 34.92 0.16 -20.87
CA ASN E 8 33.98 -0.53 -20.00
C ASN E 8 32.58 -0.05 -20.33
N ALA E 9 31.82 -0.87 -21.04
CA ALA E 9 30.46 -0.51 -21.40
C ALA E 9 29.58 -0.41 -20.16
N TYR E 10 28.80 0.66 -20.07
CA TYR E 10 27.92 0.90 -18.93
C TYR E 10 26.48 0.96 -19.42
N TYR E 11 25.59 0.24 -18.74
CA TYR E 11 24.17 0.19 -19.08
C TYR E 11 23.40 0.87 -17.96
N SER E 12 23.01 2.12 -18.19
CA SER E 12 22.29 2.89 -17.19
C SER E 12 20.82 2.47 -17.14
N ASP E 13 20.12 2.97 -16.13
CA ASP E 13 18.69 2.76 -15.94
C ASP E 13 18.32 1.30 -15.74
N GLU E 14 19.29 0.45 -15.42
CA GLU E 14 19.03 -0.97 -15.25
C GLU E 14 18.58 -1.28 -13.82
N VAL E 15 17.94 -2.43 -13.66
CA VAL E 15 17.60 -2.98 -12.35
C VAL E 15 18.00 -4.45 -12.35
N ILE E 16 18.64 -4.89 -11.27
CA ILE E 16 19.09 -6.27 -11.17
C ILE E 16 17.87 -7.15 -10.93
N SER E 17 17.37 -7.78 -11.99
CA SER E 17 16.19 -8.62 -11.88
C SER E 17 16.52 -9.98 -11.27
N GLU E 18 17.64 -10.57 -11.67
CA GLU E 18 18.11 -11.83 -11.13
C GLU E 18 19.55 -11.70 -10.69
N LEU E 19 19.94 -12.52 -9.71
CA LEU E 19 21.28 -12.51 -9.16
C LEU E 19 21.70 -13.95 -8.91
N HIS E 20 22.68 -14.42 -9.67
CA HIS E 20 23.22 -15.76 -9.52
C HIS E 20 24.53 -15.69 -8.75
N VAL E 21 24.78 -16.68 -7.91
CA VAL E 21 26.00 -16.79 -7.12
C VAL E 21 26.46 -18.24 -7.17
N GLY E 22 27.67 -18.45 -7.66
CA GLY E 22 28.23 -19.78 -7.76
C GLY E 22 29.74 -19.77 -7.66
N GLN E 23 30.39 -20.79 -8.24
CA GLN E 23 31.83 -20.89 -8.22
C GLN E 23 32.32 -21.37 -9.57
N ILE E 24 33.54 -20.96 -9.94
CA ILE E 24 34.15 -21.37 -11.19
C ILE E 24 35.66 -21.43 -10.98
N ASP E 25 36.25 -22.58 -11.31
CA ASP E 25 37.70 -22.78 -11.20
C ASP E 25 38.19 -22.42 -9.80
N THR E 26 37.51 -22.97 -8.78
CA THR E 26 37.90 -22.77 -7.39
C THR E 26 37.95 -21.29 -7.04
N SER E 27 36.89 -20.57 -7.40
CA SER E 27 36.79 -19.14 -7.09
C SER E 27 35.33 -18.71 -7.11
N PRO E 28 34.82 -18.10 -6.05
CA PRO E 28 33.43 -17.63 -6.07
C PRO E 28 33.20 -16.64 -7.20
N TYR E 29 31.92 -16.51 -7.57
CA TYR E 29 31.53 -15.56 -8.60
C TYR E 29 30.03 -15.30 -8.46
N PHE E 30 29.56 -14.30 -9.17
CA PHE E 30 28.14 -13.97 -9.17
C PHE E 30 27.80 -13.20 -10.43
N CYS E 31 26.68 -13.56 -11.05
CA CYS E 31 26.21 -12.92 -12.27
C CYS E 31 24.88 -12.24 -11.99
N ILE E 32 24.70 -11.04 -12.52
CA ILE E 32 23.46 -10.28 -12.38
C ILE E 32 22.89 -10.05 -13.75
N LYS E 33 21.66 -10.51 -13.97
CA LYS E 33 20.93 -10.26 -15.22
C LYS E 33 20.04 -9.05 -14.99
N THR E 34 20.58 -7.87 -15.26
CA THR E 34 19.87 -6.63 -15.03
C THR E 34 19.01 -6.28 -16.23
N VAL E 35 17.88 -5.64 -15.97
CA VAL E 35 16.94 -5.24 -17.00
C VAL E 35 16.66 -3.75 -16.85
N LYS E 36 16.34 -3.10 -17.97
CA LYS E 36 16.00 -1.69 -17.93
C LYS E 36 14.82 -1.46 -16.99
N ALA E 37 14.89 -0.37 -16.22
CA ALA E 37 13.81 -0.05 -15.30
C ALA E 37 12.49 0.12 -16.05
N ASN E 38 12.53 0.77 -17.21
CA ASN E 38 11.33 1.05 -17.99
C ASN E 38 11.01 -0.06 -19.00
N GLY E 39 11.53 -1.27 -18.77
CA GLY E 39 11.20 -2.40 -19.63
C GLY E 39 11.78 -2.34 -21.03
N SER E 40 12.53 -1.31 -21.37
CA SER E 40 13.12 -1.19 -22.70
C SER E 40 14.41 -2.03 -22.75
N GLY E 41 15.18 -1.86 -23.83
CA GLY E 41 16.46 -2.52 -23.94
C GLY E 41 16.36 -4.04 -23.81
N THR E 42 17.54 -4.63 -23.60
CA THR E 42 17.71 -6.06 -23.44
C THR E 42 18.38 -6.37 -22.11
N PRO E 43 18.11 -7.53 -21.51
CA PRO E 43 18.73 -7.85 -20.21
C PRO E 43 20.25 -7.90 -20.32
N VAL E 44 20.92 -7.19 -19.42
CA VAL E 44 22.37 -7.11 -19.38
C VAL E 44 22.86 -8.08 -18.31
N VAL E 45 23.44 -9.19 -18.74
CA VAL E 45 23.98 -10.18 -17.81
C VAL E 45 25.43 -9.80 -17.52
N ALA E 46 25.71 -9.43 -16.29
CA ALA E 46 27.04 -9.00 -15.86
C ALA E 46 27.51 -9.90 -14.73
N CYS E 47 28.76 -10.37 -14.82
CA CYS E 47 29.35 -11.25 -13.83
C CYS E 47 30.58 -10.60 -13.23
N ALA E 48 31.01 -11.16 -12.10
CA ALA E 48 32.22 -10.70 -11.43
C ALA E 48 32.80 -11.88 -10.65
N VAL E 49 33.81 -12.52 -11.23
CA VAL E 49 34.47 -13.66 -10.60
C VAL E 49 35.48 -13.14 -9.59
N SER E 50 35.75 -13.94 -8.56
CA SER E 50 36.54 -13.48 -7.43
C SER E 50 38.05 -13.60 -7.66
N LYS E 51 38.48 -14.44 -8.60
CA LYS E 51 39.91 -14.66 -8.80
C LYS E 51 40.33 -14.73 -10.27
N GLN E 52 39.41 -14.64 -11.22
CA GLN E 52 39.77 -14.86 -12.62
C GLN E 52 40.31 -13.58 -13.27
N SER E 53 39.49 -12.55 -13.34
CA SER E 53 39.83 -11.36 -14.11
C SER E 53 40.50 -10.31 -13.22
N ILE E 54 40.86 -9.18 -13.83
CA ILE E 54 41.47 -8.08 -13.10
C ILE E 54 40.49 -7.37 -12.18
N TRP E 55 39.19 -7.60 -12.36
CA TRP E 55 38.17 -7.01 -11.51
C TRP E 55 37.90 -7.83 -10.25
N ALA E 56 38.66 -8.89 -10.03
CA ALA E 56 38.52 -9.70 -8.81
C ALA E 56 38.59 -8.88 -7.54
N PRO E 57 39.51 -7.91 -7.39
CA PRO E 57 39.60 -7.17 -6.12
C PRO E 57 38.30 -6.51 -5.72
N SER E 58 37.41 -6.27 -6.69
CA SER E 58 36.13 -5.63 -6.41
C SER E 58 35.02 -6.62 -6.12
N PHE E 59 35.22 -7.92 -6.38
CA PHE E 59 34.17 -8.90 -6.23
C PHE E 59 33.50 -8.78 -4.85
N LYS E 60 34.29 -8.92 -3.79
CA LYS E 60 33.73 -8.88 -2.44
C LYS E 60 32.90 -7.62 -2.21
N GLU E 61 33.18 -6.54 -2.96
CA GLU E 61 32.41 -5.31 -2.84
C GLU E 61 31.32 -5.19 -3.89
N LEU E 62 31.46 -5.87 -5.03
CA LEU E 62 30.39 -5.88 -6.02
C LEU E 62 29.25 -6.77 -5.55
N LEU E 63 29.56 -8.02 -5.18
CA LEU E 63 28.54 -8.93 -4.70
C LEU E 63 27.73 -8.31 -3.57
N ASP E 64 28.41 -7.76 -2.56
CA ASP E 64 27.72 -7.13 -1.45
C ASP E 64 26.93 -5.91 -1.90
N GLN E 65 27.30 -5.29 -3.04
CA GLN E 65 26.55 -4.16 -3.57
C GLN E 65 25.47 -4.62 -4.55
N ALA E 66 25.84 -5.52 -5.47
CA ALA E 66 24.84 -6.10 -6.37
C ALA E 66 23.71 -6.75 -5.59
N ARG E 67 24.04 -7.47 -4.52
CA ARG E 67 23.01 -8.03 -3.67
C ARG E 67 22.12 -6.94 -3.09
N TYR E 68 22.71 -5.80 -2.72
CA TYR E 68 21.92 -4.70 -2.16
C TYR E 68 21.01 -4.10 -3.22
N PHE E 69 21.51 -3.92 -4.44
CA PHE E 69 20.67 -3.40 -5.50
C PHE E 69 19.69 -4.45 -6.02
N TYR E 70 20.10 -5.72 -6.03
CA TYR E 70 19.16 -6.79 -6.36
C TYR E 70 18.06 -6.89 -5.32
N SER E 71 18.42 -6.77 -4.04
CA SER E 71 17.43 -6.80 -2.98
C SER E 71 16.46 -5.62 -3.11
N THR E 72 17.00 -4.41 -3.21
CA THR E 72 16.13 -3.23 -3.33
C THR E 72 15.50 -3.15 -4.70
N GLY E 73 16.17 -3.63 -5.74
CA GLY E 73 15.66 -3.55 -7.09
C GLY E 73 15.63 -2.14 -7.64
N GLN E 74 16.22 -1.19 -6.91
CA GLN E 74 16.28 0.18 -7.37
C GLN E 74 17.08 0.28 -8.66
N SER E 75 16.85 1.35 -9.41
CA SER E 75 17.54 1.54 -10.67
C SER E 75 19.03 1.75 -10.43
N VAL E 76 19.86 1.16 -11.29
CA VAL E 76 21.30 1.23 -11.19
C VAL E 76 21.89 1.44 -12.59
N ARG E 77 23.17 1.78 -12.63
CA ARG E 77 23.94 1.90 -13.86
C ARG E 77 25.13 0.96 -13.72
N ILE E 78 24.96 -0.29 -14.15
CA ILE E 78 26.02 -1.27 -14.05
C ILE E 78 27.06 -1.01 -15.13
N HIS E 79 28.32 -1.18 -14.78
CA HIS E 79 29.43 -1.07 -15.72
C HIS E 79 30.02 -2.45 -15.97
N VAL E 80 30.31 -2.76 -17.23
CA VAL E 80 30.80 -4.07 -17.62
C VAL E 80 31.95 -3.89 -18.61
N GLN E 81 32.81 -4.90 -18.67
CA GLN E 81 33.90 -4.97 -19.65
C GLN E 81 33.63 -6.21 -20.50
N LYS E 82 33.17 -5.98 -21.73
CA LYS E 82 32.73 -7.08 -22.58
C LYS E 82 33.89 -8.02 -22.89
N ASN E 83 33.55 -9.30 -23.08
CA ASN E 83 34.51 -10.31 -23.51
C ASN E 83 35.69 -10.42 -22.54
N ILE E 84 35.37 -10.82 -21.31
CA ILE E 84 36.36 -11.01 -20.26
C ILE E 84 36.53 -12.48 -19.90
N TRP E 85 35.43 -13.24 -19.88
CA TRP E 85 35.49 -14.66 -19.60
C TRP E 85 35.63 -15.46 -20.88
N THR E 86 36.35 -16.58 -20.79
CA THR E 86 36.62 -17.43 -21.94
C THR E 86 36.04 -18.83 -21.82
N TYR E 87 35.49 -19.19 -20.68
CA TYR E 87 34.87 -20.50 -20.52
C TYR E 87 33.67 -20.61 -21.46
N PRO E 88 33.68 -21.52 -22.43
CA PRO E 88 32.58 -21.56 -23.41
C PRO E 88 31.21 -21.66 -22.78
N LEU E 89 31.00 -22.62 -21.86
CA LEU E 89 29.68 -22.80 -21.27
C LEU E 89 29.27 -21.60 -20.44
N PHE E 90 30.20 -21.03 -19.67
CA PHE E 90 29.89 -19.87 -18.86
C PHE E 90 29.35 -18.73 -19.71
N VAL E 91 30.15 -18.25 -20.65
CA VAL E 91 29.72 -17.16 -21.51
C VAL E 91 28.45 -17.53 -22.27
N ASN E 92 28.31 -18.81 -22.62
CA ASN E 92 27.07 -19.26 -23.24
C ASN E 92 25.92 -19.24 -22.25
N THR E 93 26.22 -19.39 -20.96
CA THR E 93 25.16 -19.39 -19.95
C THR E 93 24.77 -17.97 -19.54
N PHE E 94 25.70 -17.21 -18.98
CA PHE E 94 25.37 -15.87 -18.48
C PHE E 94 25.66 -14.80 -19.52
N SER E 95 26.94 -14.60 -19.84
CA SER E 95 27.37 -13.63 -20.84
C SER E 95 28.89 -13.64 -20.86
N ALA E 96 29.45 -12.90 -21.82
CA ALA E 96 30.89 -12.66 -21.86
C ALA E 96 31.29 -11.40 -21.10
N ASN E 97 30.32 -10.64 -20.60
CA ASN E 97 30.61 -9.42 -19.88
C ASN E 97 31.19 -9.73 -18.50
N ALA E 98 31.65 -8.68 -17.82
CA ALA E 98 32.22 -8.80 -16.49
C ALA E 98 31.90 -7.53 -15.71
N LEU E 99 30.98 -7.62 -14.75
CA LEU E 99 30.61 -6.49 -13.92
C LEU E 99 31.84 -5.84 -13.31
N VAL E 100 32.05 -4.56 -13.62
CA VAL E 100 33.19 -3.80 -13.10
C VAL E 100 32.74 -2.72 -12.13
N GLY E 101 31.49 -2.74 -11.71
CA GLY E 101 30.99 -1.76 -10.77
C GLY E 101 29.50 -1.54 -10.93
N LEU E 102 28.90 -0.93 -9.92
CA LEU E 102 27.50 -0.53 -9.93
C LEU E 102 27.39 0.89 -9.43
N SER E 103 26.24 1.50 -9.69
CA SER E 103 26.02 2.89 -9.29
C SER E 103 24.53 3.15 -9.18
N SER E 104 24.14 3.89 -8.14
CA SER E 104 22.75 4.25 -7.96
C SER E 104 22.29 5.19 -9.06
N CYS E 105 20.98 5.24 -9.25
CA CYS E 105 20.37 6.04 -10.31
C CYS E 105 19.24 6.88 -9.73
N SER E 106 19.23 8.16 -10.06
CA SER E 106 18.14 9.05 -9.70
C SER E 106 17.10 9.06 -10.80
N ALA E 107 16.16 10.01 -10.75
CA ALA E 107 15.11 10.08 -11.76
C ALA E 107 15.68 10.15 -13.16
N THR E 108 16.56 11.12 -13.41
CA THR E 108 17.11 11.37 -14.73
C THR E 108 18.61 11.10 -14.83
N GLN E 109 19.38 11.47 -13.80
CA GLN E 109 20.83 11.36 -13.84
C GLN E 109 21.28 10.19 -12.97
N CYS E 110 22.17 9.36 -13.53
CA CYS E 110 22.76 8.24 -12.80
C CYS E 110 24.16 8.62 -12.38
N PHE E 111 24.36 8.84 -11.08
CA PHE E 111 25.65 9.25 -10.56
C PHE E 111 26.70 8.19 -10.82
N GLY E 112 27.64 8.48 -11.72
CA GLY E 112 28.68 7.53 -12.06
C GLY E 112 29.42 7.93 -13.32
N PRO E 113 30.36 7.09 -13.74
CA PRO E 113 31.15 7.40 -14.95
C PRO E 113 30.37 7.07 -16.22
N LYS E 114 30.29 8.05 -17.12
CA LYS E 114 29.62 7.86 -18.39
C LYS E 114 30.47 8.42 -19.54
N GLU F 1 45.77 13.06 11.44
CA GLU F 1 45.25 11.91 10.71
C GLU F 1 44.04 11.34 11.46
N TRP F 2 42.87 11.92 11.20
CA TRP F 2 41.64 11.51 11.86
C TRP F 2 40.47 12.22 11.17
N THR F 3 39.36 11.51 11.02
CA THR F 3 38.21 12.07 10.31
C THR F 3 37.82 13.45 10.84
N GLY F 4 38.08 13.72 12.11
CA GLY F 4 37.84 15.02 12.68
C GLY F 4 38.97 16.00 12.57
N ASP F 5 40.05 15.63 11.89
CA ASP F 5 41.17 16.54 11.71
C ASP F 5 40.72 17.81 11.00
N ASN F 6 41.12 18.96 11.54
CA ASN F 6 40.66 20.23 10.99
C ASN F 6 40.91 20.34 9.49
N THR F 7 41.90 19.62 8.96
CA THR F 7 42.16 19.62 7.53
C THR F 7 41.13 18.82 6.75
N ASN F 8 40.15 18.22 7.40
CA ASN F 8 39.08 17.48 6.74
C ASN F 8 37.79 18.29 6.83
N ALA F 9 37.19 18.57 5.67
CA ALA F 9 35.93 19.30 5.64
C ALA F 9 34.78 18.36 5.91
N TYR F 10 33.87 18.78 6.79
CA TYR F 10 32.69 18.00 7.15
C TYR F 10 31.45 18.70 6.62
N TYR F 11 30.59 17.93 5.95
CA TYR F 11 29.34 18.43 5.39
C TYR F 11 28.19 17.88 6.20
N SER F 12 27.50 18.74 6.93
CA SER F 12 26.45 18.33 7.85
C SER F 12 25.10 18.31 7.15
N ASP F 13 24.14 17.61 7.78
CA ASP F 13 22.76 17.50 7.32
C ASP F 13 22.66 16.87 5.94
N GLU F 14 23.72 16.26 5.44
CA GLU F 14 23.69 15.63 4.12
C GLU F 14 23.02 14.26 4.20
N VAL F 15 22.45 13.85 3.07
CA VAL F 15 21.90 12.51 2.91
C VAL F 15 22.55 11.89 1.68
N ILE F 16 22.96 10.63 1.80
CA ILE F 16 23.59 9.94 0.69
C ILE F 16 22.52 9.59 -0.34
N SER F 17 22.44 10.40 -1.39
CA SER F 17 21.40 10.21 -2.39
C SER F 17 21.75 9.11 -3.38
N GLU F 18 23.02 9.02 -3.77
CA GLU F 18 23.48 8.00 -4.70
C GLU F 18 24.77 7.39 -4.19
N LEU F 19 24.90 6.08 -4.35
CA LEU F 19 26.07 5.33 -3.91
C LEU F 19 26.57 4.49 -5.07
N HIS F 20 27.84 4.65 -5.41
CA HIS F 20 28.46 3.93 -6.53
C HIS F 20 29.70 3.21 -6.04
N VAL F 21 29.77 1.91 -6.30
CA VAL F 21 30.93 1.09 -6.00
C VAL F 21 31.61 0.72 -7.31
N GLY F 22 32.93 0.81 -7.33
CA GLY F 22 33.68 0.47 -8.52
C GLY F 22 35.07 -0.06 -8.20
N GLN F 23 35.95 -0.07 -9.20
CA GLN F 23 37.33 -0.48 -9.02
C GLN F 23 38.24 0.49 -9.75
N ILE F 24 39.40 0.76 -9.16
CA ILE F 24 40.38 1.66 -9.76
C ILE F 24 41.76 1.22 -9.31
N ASP F 25 42.68 1.07 -10.27
CA ASP F 25 44.04 0.61 -9.98
C ASP F 25 44.00 -0.72 -9.21
N THR F 26 43.18 -1.64 -9.71
CA THR F 26 43.05 -2.98 -9.11
C THR F 26 42.78 -2.88 -7.61
N SER F 27 41.85 -1.99 -7.24
CA SER F 27 41.50 -1.79 -5.85
C SER F 27 40.05 -1.34 -5.78
N PRO F 28 39.20 -2.03 -5.01
CA PRO F 28 37.80 -1.59 -4.91
C PRO F 28 37.70 -0.19 -4.31
N TYR F 29 36.58 0.46 -4.61
CA TYR F 29 36.31 1.78 -4.08
C TYR F 29 34.81 2.04 -4.18
N PHE F 30 34.38 3.15 -3.60
CA PHE F 30 32.98 3.55 -3.68
C PHE F 30 32.87 5.05 -3.50
N CYS F 31 31.92 5.66 -4.23
CA CYS F 31 31.67 7.08 -4.16
C CYS F 31 30.21 7.31 -3.79
N ILE F 32 29.98 8.26 -2.90
CA ILE F 32 28.63 8.63 -2.45
C ILE F 32 28.34 10.04 -2.94
N LYS F 33 27.17 10.22 -3.54
CA LYS F 33 26.68 11.54 -3.93
C LYS F 33 25.72 12.00 -2.85
N THR F 34 26.16 12.93 -2.01
CA THR F 34 25.40 13.36 -0.84
C THR F 34 24.79 14.73 -1.11
N VAL F 35 23.47 14.82 -0.99
CA VAL F 35 22.73 16.06 -1.13
C VAL F 35 22.15 16.43 0.22
N LYS F 36 21.92 17.72 0.42
CA LYS F 36 21.30 18.18 1.66
C LYS F 36 19.91 17.57 1.78
N ALA F 37 19.53 17.23 3.02
CA ALA F 37 18.24 16.59 3.25
C ALA F 37 17.10 17.43 2.67
N ASN F 38 17.22 18.75 2.75
CA ASN F 38 16.21 19.65 2.23
C ASN F 38 16.43 19.99 0.76
N GLY F 39 17.25 19.21 0.05
CA GLY F 39 17.51 19.45 -1.35
C GLY F 39 18.29 20.71 -1.66
N SER F 40 18.71 21.47 -0.65
CA SER F 40 19.44 22.71 -0.87
C SER F 40 20.91 22.39 -1.12
N GLY F 41 21.74 23.42 -1.13
CA GLY F 41 23.18 23.22 -1.33
C GLY F 41 23.50 22.68 -2.72
N THR F 42 24.65 22.05 -2.80
CA THR F 42 25.15 21.47 -4.03
C THR F 42 25.48 19.99 -3.82
N PRO F 43 25.44 19.18 -4.88
CA PRO F 43 25.82 17.77 -4.71
C PRO F 43 27.23 17.61 -4.17
N VAL F 44 27.35 17.08 -2.97
CA VAL F 44 28.63 16.87 -2.31
C VAL F 44 29.00 15.40 -2.46
N VAL F 45 29.99 15.12 -3.31
CA VAL F 45 30.41 13.76 -3.59
C VAL F 45 31.66 13.45 -2.79
N ALA F 46 31.81 12.18 -2.40
CA ALA F 46 32.96 11.73 -1.62
C ALA F 46 33.24 10.28 -1.96
N CYS F 47 34.49 9.97 -2.26
CA CYS F 47 34.91 8.63 -2.63
C CYS F 47 35.80 8.03 -1.54
N ALA F 48 36.14 6.76 -1.74
CA ALA F 48 37.04 6.07 -0.82
C ALA F 48 37.55 4.82 -1.52
N VAL F 49 38.86 4.70 -1.67
CA VAL F 49 39.47 3.56 -2.33
C VAL F 49 40.06 2.63 -1.29
N SER F 50 40.16 1.35 -1.64
CA SER F 50 40.59 0.34 -0.68
C SER F 50 42.09 0.35 -0.43
N LYS F 51 42.88 0.92 -1.35
CA LYS F 51 44.33 0.87 -1.21
C LYS F 51 45.05 2.16 -1.57
N GLN F 52 44.34 3.20 -2.03
CA GLN F 52 45.03 4.38 -2.56
C GLN F 52 45.44 5.34 -1.46
N SER F 53 44.48 5.89 -0.72
CA SER F 53 44.75 6.99 0.19
C SER F 53 45.07 6.47 1.59
N ILE F 54 45.44 7.41 2.48
CA ILE F 54 45.68 7.07 3.87
C ILE F 54 44.39 6.67 4.57
N TRP F 55 43.24 7.06 4.03
CA TRP F 55 41.94 6.67 4.58
C TRP F 55 41.43 5.37 3.95
N ALA F 56 42.33 4.52 3.48
CA ALA F 56 41.97 3.26 2.84
C ALA F 56 41.58 2.20 3.86
N PRO F 57 42.32 2.05 4.97
CA PRO F 57 41.95 1.01 5.95
C PRO F 57 40.49 1.02 6.34
N SER F 58 39.89 2.19 6.48
CA SER F 58 38.49 2.31 6.85
C SER F 58 37.55 2.19 5.66
N PHE F 59 38.03 1.71 4.52
CA PHE F 59 37.17 1.56 3.35
C PHE F 59 36.03 0.58 3.64
N LYS F 60 36.38 -0.67 3.96
CA LYS F 60 35.35 -1.67 4.24
C LYS F 60 34.40 -1.22 5.34
N GLU F 61 34.90 -0.42 6.28
CA GLU F 61 34.06 0.09 7.36
C GLU F 61 33.22 1.29 6.94
N LEU F 62 33.51 1.89 5.79
CA LEU F 62 32.75 3.02 5.28
C LEU F 62 31.83 2.65 4.12
N LEU F 63 32.27 1.75 3.24
CA LEU F 63 31.39 1.26 2.19
C LEU F 63 30.13 0.65 2.79
N ASP F 64 30.30 -0.33 3.68
CA ASP F 64 29.13 -0.94 4.32
C ASP F 64 28.38 0.05 5.18
N GLN F 65 29.06 1.09 5.69
CA GLN F 65 28.36 2.11 6.46
C GLN F 65 27.66 3.11 5.54
N ALA F 66 28.33 3.54 4.48
CA ALA F 66 27.67 4.37 3.48
C ALA F 66 26.47 3.63 2.89
N ARG F 67 26.63 2.35 2.57
CA ARG F 67 25.51 1.55 2.10
C ARG F 67 24.38 1.55 3.13
N TYR F 68 24.72 1.61 4.42
CA TYR F 68 23.68 1.69 5.45
C TYR F 68 23.03 3.06 5.46
N PHE F 69 23.84 4.12 5.52
CA PHE F 69 23.29 5.47 5.50
C PHE F 69 22.69 5.82 4.14
N TYR F 70 23.11 5.14 3.08
CA TYR F 70 22.48 5.34 1.78
C TYR F 70 21.10 4.70 1.74
N SER F 71 20.97 3.49 2.29
CA SER F 71 19.68 2.82 2.29
C SER F 71 18.64 3.61 3.06
N THR F 72 18.98 4.01 4.30
CA THR F 72 18.04 4.74 5.13
C THR F 72 17.84 6.18 4.65
N GLY F 73 18.74 6.71 3.82
CA GLY F 73 18.63 8.08 3.36
C GLY F 73 18.51 9.07 4.49
N GLN F 74 18.98 8.68 5.68
CA GLN F 74 18.86 9.55 6.85
C GLN F 74 19.85 10.70 6.76
N SER F 75 19.59 11.74 7.54
CA SER F 75 20.52 12.85 7.64
C SER F 75 21.82 12.38 8.27
N VAL F 76 22.94 12.65 7.59
CA VAL F 76 24.25 12.25 8.06
C VAL F 76 25.25 13.36 7.75
N ARG F 77 26.37 13.33 8.47
CA ARG F 77 27.47 14.26 8.27
C ARG F 77 28.65 13.47 7.74
N ILE F 78 29.03 13.72 6.50
CA ILE F 78 30.15 13.03 5.86
C ILE F 78 31.39 13.89 5.99
N HIS F 79 32.54 13.25 6.16
CA HIS F 79 33.83 13.93 6.28
C HIS F 79 34.66 13.59 5.05
N VAL F 80 35.32 14.61 4.49
CA VAL F 80 36.04 14.47 3.23
C VAL F 80 37.42 15.07 3.36
N GLN F 81 38.42 14.40 2.78
CA GLN F 81 39.77 14.93 2.62
C GLN F 81 39.89 15.41 1.19
N LYS F 82 39.64 16.71 0.98
CA LYS F 82 39.61 17.25 -0.37
C LYS F 82 40.98 17.11 -1.05
N ASN F 83 40.96 16.96 -2.37
CA ASN F 83 42.17 16.90 -3.18
C ASN F 83 43.03 15.70 -2.77
N ILE F 84 42.46 14.51 -2.95
CA ILE F 84 43.17 13.27 -2.64
C ILE F 84 43.27 12.34 -3.83
N TRP F 85 42.37 12.42 -4.82
CA TRP F 85 42.42 11.58 -6.01
C TRP F 85 42.94 12.40 -7.19
N THR F 86 43.93 11.86 -7.88
CA THR F 86 44.59 12.56 -8.97
C THR F 86 44.29 11.97 -10.34
N TYR F 87 43.72 10.77 -10.41
CA TYR F 87 43.37 10.18 -11.69
C TYR F 87 42.46 11.13 -12.46
N PRO F 88 42.82 11.55 -13.68
CA PRO F 88 42.03 12.60 -14.36
C PRO F 88 40.56 12.25 -14.51
N LEU F 89 40.27 11.13 -15.17
CA LEU F 89 38.89 10.76 -15.43
C LEU F 89 38.12 10.47 -14.16
N PHE F 90 38.81 10.18 -13.06
CA PHE F 90 38.14 9.91 -11.79
C PHE F 90 37.67 11.19 -11.13
N VAL F 91 38.59 12.12 -10.89
CA VAL F 91 38.24 13.37 -10.21
C VAL F 91 37.17 14.12 -10.97
N ASN F 92 37.18 14.02 -12.30
CA ASN F 92 36.19 14.73 -13.10
C ASN F 92 34.81 14.07 -13.02
N THR F 93 34.77 12.78 -12.71
CA THR F 93 33.48 12.07 -12.66
C THR F 93 32.76 12.35 -11.35
N PHE F 94 33.34 11.91 -10.23
CA PHE F 94 32.67 12.04 -8.94
C PHE F 94 33.11 13.27 -8.18
N SER F 95 34.38 13.32 -7.79
CA SER F 95 34.93 14.46 -7.05
C SER F 95 36.39 14.15 -6.73
N ALA F 96 37.09 15.17 -6.26
CA ALA F 96 38.43 14.98 -5.69
C ALA F 96 38.38 14.59 -4.22
N ASN F 97 37.23 14.75 -3.57
CA ASN F 97 37.11 14.44 -2.15
C ASN F 97 37.30 12.95 -1.90
N ALA F 98 37.63 12.64 -0.64
CA ALA F 98 37.82 11.26 -0.20
C ALA F 98 37.05 11.08 1.11
N LEU F 99 35.98 10.29 1.07
CA LEU F 99 35.20 10.03 2.26
C LEU F 99 36.08 9.42 3.34
N VAL F 100 36.27 10.15 4.44
CA VAL F 100 37.10 9.70 5.54
C VAL F 100 36.28 9.23 6.74
N GLY F 101 34.99 9.56 6.80
CA GLY F 101 34.17 9.15 7.91
C GLY F 101 32.76 9.70 7.85
N LEU F 102 31.77 8.87 8.15
CA LEU F 102 30.38 9.26 8.16
C LEU F 102 29.90 9.45 9.59
N SER F 103 28.70 10.03 9.73
CA SER F 103 28.15 10.32 11.04
C SER F 103 26.66 10.60 10.91
N SER F 104 25.87 9.94 11.74
CA SER F 104 24.44 10.22 11.80
C SER F 104 24.23 11.66 12.27
N CYS F 105 23.04 12.19 11.98
CA CYS F 105 22.68 13.55 12.33
C CYS F 105 21.30 13.58 12.96
N SER F 106 21.19 14.29 14.07
CA SER F 106 19.89 14.51 14.71
C SER F 106 19.22 15.71 14.07
N ALA F 107 18.16 16.21 14.71
CA ALA F 107 17.45 17.38 14.17
C ALA F 107 18.42 18.52 13.91
N THR F 108 19.22 18.88 14.92
CA THR F 108 20.17 19.98 14.81
C THR F 108 21.61 19.55 15.04
N GLN F 109 21.85 18.65 15.99
CA GLN F 109 23.19 18.23 16.34
C GLN F 109 23.62 17.07 15.43
N CYS F 110 24.68 17.28 14.66
CA CYS F 110 25.28 16.23 13.84
C CYS F 110 26.40 15.59 14.66
N PHE F 111 26.06 14.53 15.38
CA PHE F 111 27.00 13.85 16.25
C PHE F 111 28.26 13.47 15.49
N GLY F 112 29.38 14.09 15.85
CA GLY F 112 30.63 13.85 15.18
C GLY F 112 31.59 15.01 15.35
N PRO F 113 32.77 14.93 14.74
CA PRO F 113 33.75 16.02 14.88
C PRO F 113 33.36 17.23 14.05
N LYS F 114 33.72 18.40 14.53
CA LYS F 114 33.43 19.64 13.84
C LYS F 114 34.41 20.74 14.27
N GLU G 1 40.10 -8.33 31.50
CA GLU G 1 39.99 -8.24 30.05
C GLU G 1 38.75 -9.01 29.57
N TRP G 2 37.60 -8.36 29.68
CA TRP G 2 36.33 -8.96 29.27
C TRP G 2 35.25 -7.88 29.31
N THR G 3 34.32 -7.95 28.35
CA THR G 3 33.30 -6.90 28.26
C THR G 3 32.52 -6.75 29.54
N GLY G 4 32.33 -7.84 30.29
CA GLY G 4 31.57 -7.82 31.52
C GLY G 4 32.37 -7.60 32.79
N ASP G 5 33.65 -7.25 32.67
CA ASP G 5 34.46 -7.00 33.87
C ASP G 5 33.85 -5.88 34.70
N ASN G 6 34.09 -5.95 36.01
CA ASN G 6 33.58 -4.92 36.91
C ASN G 6 34.13 -3.54 36.58
N THR G 7 35.29 -3.47 35.92
CA THR G 7 35.88 -2.20 35.55
C THR G 7 35.30 -1.62 34.26
N ASN G 8 34.53 -2.42 33.52
CA ASN G 8 33.91 -1.97 32.26
C ASN G 8 32.49 -1.53 32.58
N ALA G 9 32.33 -0.23 32.83
CA ALA G 9 31.01 0.30 33.16
C ALA G 9 30.02 -0.01 32.05
N TYR G 10 28.78 -0.30 32.44
CA TYR G 10 27.71 -0.62 31.50
C TYR G 10 26.58 0.39 31.67
N TYR G 11 26.02 0.82 30.55
CA TYR G 11 24.87 1.72 30.54
C TYR G 11 23.69 0.95 29.95
N SER G 12 22.68 0.71 30.77
CA SER G 12 21.57 -0.18 30.42
C SER G 12 20.40 0.61 29.85
N ASP G 13 19.57 -0.10 29.08
CA ASP G 13 18.33 0.41 28.49
C ASP G 13 18.58 1.48 27.44
N GLU G 14 19.83 1.76 27.10
CA GLU G 14 20.11 2.80 26.11
C GLU G 14 19.75 2.32 24.71
N VAL G 15 19.47 3.28 23.84
CA VAL G 15 19.28 3.04 22.42
C VAL G 15 20.29 3.87 21.66
N ILE G 16 20.88 3.29 20.63
CA ILE G 16 21.91 3.97 19.86
C ILE G 16 21.25 5.04 19.01
N SER G 17 21.30 6.29 19.46
CA SER G 17 20.65 7.38 18.75
C SER G 17 21.44 7.80 17.52
N GLU G 18 22.77 7.80 17.62
CA GLU G 18 23.63 8.13 16.49
C GLU G 18 24.75 7.11 16.40
N LEU G 19 25.35 7.02 15.21
CA LEU G 19 26.46 6.11 14.96
C LEU G 19 27.37 6.75 13.93
N HIS G 20 28.59 7.07 14.33
CA HIS G 20 29.59 7.65 13.44
C HIS G 20 30.67 6.62 13.16
N VAL G 21 31.12 6.58 11.92
CA VAL G 21 32.22 5.71 11.50
C VAL G 21 33.26 6.58 10.80
N GLY G 22 34.52 6.34 11.10
CA GLY G 22 35.61 7.09 10.51
C GLY G 22 36.89 6.32 10.60
N GLN G 23 38.00 7.05 10.70
CA GLN G 23 39.32 6.45 10.82
C GLN G 23 40.16 7.27 11.78
N ILE G 24 41.06 6.59 12.49
CA ILE G 24 41.96 7.24 13.42
C ILE G 24 43.25 6.42 13.49
N ASP G 25 44.38 7.08 13.25
CA ASP G 25 45.70 6.46 13.28
C ASP G 25 45.72 5.21 12.40
N THR G 26 45.46 5.41 11.12
CA THR G 26 45.53 4.35 10.12
C THR G 26 44.77 3.10 10.58
N SER G 27 43.57 3.32 11.14
CA SER G 27 42.73 2.21 11.57
C SER G 27 41.30 2.71 11.68
N PRO G 28 40.31 1.95 11.21
CA PRO G 28 38.93 2.42 11.30
C PRO G 28 38.45 2.42 12.75
N TYR G 29 37.27 3.01 12.94
CA TYR G 29 36.65 3.09 14.26
C TYR G 29 35.21 3.55 14.07
N PHE G 30 34.46 3.53 15.17
CA PHE G 30 33.11 4.05 15.17
C PHE G 30 32.73 4.46 16.58
N CYS G 31 31.76 5.35 16.67
CA CYS G 31 31.28 5.87 17.95
C CYS G 31 29.77 5.94 17.92
N ILE G 32 29.12 5.32 18.90
CA ILE G 32 27.67 5.29 18.99
C ILE G 32 27.25 6.16 20.17
N LYS G 33 26.48 7.21 19.89
CA LYS G 33 25.93 8.09 20.93
C LYS G 33 24.56 7.55 21.31
N THR G 34 24.49 6.82 22.41
CA THR G 34 23.26 6.16 22.84
C THR G 34 22.54 7.02 23.88
N VAL G 35 21.22 7.07 23.76
CA VAL G 35 20.37 7.74 24.73
C VAL G 35 19.38 6.73 25.29
N LYS G 36 18.80 7.08 26.43
CA LYS G 36 17.83 6.18 27.06
C LYS G 36 16.59 6.04 26.18
N ALA G 37 15.90 4.90 26.34
CA ALA G 37 14.67 4.68 25.60
C ALA G 37 13.61 5.70 25.97
N ASN G 38 13.56 6.09 27.25
CA ASN G 38 12.61 7.07 27.74
C ASN G 38 13.19 8.47 27.80
N GLY G 39 14.21 8.76 27.00
CA GLY G 39 14.80 10.08 26.95
C GLY G 39 15.50 10.53 28.22
N SER G 40 15.59 9.68 29.23
CA SER G 40 16.24 10.05 30.49
C SER G 40 17.75 9.86 30.35
N GLY G 41 18.46 9.95 31.47
CA GLY G 41 19.89 9.75 31.46
C GLY G 41 20.62 10.78 30.60
N THR G 42 21.91 10.51 30.41
CA THR G 42 22.78 11.36 29.60
C THR G 42 23.29 10.58 28.40
N PRO G 43 23.56 11.26 27.28
CA PRO G 43 24.07 10.54 26.10
C PRO G 43 25.36 9.78 26.41
N VAL G 44 25.33 8.48 26.17
CA VAL G 44 26.46 7.60 26.44
C VAL G 44 27.16 7.35 25.11
N VAL G 45 28.22 8.11 24.84
CA VAL G 45 28.99 7.97 23.61
C VAL G 45 30.08 6.93 23.86
N ALA G 46 30.01 5.82 23.12
CA ALA G 46 30.97 4.72 23.27
C ALA G 46 31.64 4.48 21.92
N CYS G 47 32.95 4.64 21.90
CA CYS G 47 33.74 4.47 20.68
C CYS G 47 34.40 3.10 20.66
N ALA G 48 34.95 2.75 19.50
CA ALA G 48 35.65 1.48 19.34
C ALA G 48 36.54 1.59 18.11
N VAL G 49 37.86 1.49 18.31
CA VAL G 49 38.82 1.56 17.24
C VAL G 49 39.26 0.14 16.88
N SER G 50 39.66 -0.05 15.63
CA SER G 50 39.89 -1.40 15.13
C SER G 50 41.20 -1.99 15.66
N LYS G 51 42.22 -1.16 15.89
CA LYS G 51 43.53 -1.66 16.27
C LYS G 51 44.21 -0.88 17.39
N GLN G 52 43.57 0.16 17.93
CA GLN G 52 44.24 0.99 18.93
C GLN G 52 44.17 0.37 20.32
N SER G 53 42.96 0.17 20.84
CA SER G 53 42.81 -0.32 22.20
C SER G 53 42.93 -1.84 22.25
N ILE G 54 42.91 -2.36 23.47
CA ILE G 54 43.00 -3.81 23.67
C ILE G 54 41.78 -4.52 23.11
N TRP G 55 40.71 -3.79 22.79
CA TRP G 55 39.49 -4.35 22.26
C TRP G 55 39.49 -4.42 20.73
N ALA G 56 40.67 -4.49 20.12
CA ALA G 56 40.76 -4.51 18.67
C ALA G 56 40.05 -5.72 18.06
N PRO G 57 40.25 -6.95 18.54
CA PRO G 57 39.66 -8.11 17.84
C PRO G 57 38.14 -8.08 17.76
N SER G 58 37.46 -7.25 18.56
CA SER G 58 36.01 -7.22 18.57
C SER G 58 35.41 -6.11 17.74
N PHE G 59 36.23 -5.20 17.20
CA PHE G 59 35.69 -4.07 16.44
C PHE G 59 34.78 -4.54 15.32
N LYS G 60 35.30 -5.39 14.42
CA LYS G 60 34.51 -5.84 13.29
C LYS G 60 33.22 -6.50 13.71
N GLU G 61 33.14 -7.03 14.94
CA GLU G 61 31.92 -7.64 15.44
C GLU G 61 31.02 -6.63 16.16
N LEU G 62 31.60 -5.75 16.96
CA LEU G 62 30.81 -4.73 17.63
C LEU G 62 30.21 -3.76 16.62
N LEU G 63 31.02 -3.33 15.65
CA LEU G 63 30.50 -2.43 14.61
C LEU G 63 29.34 -3.09 13.86
N ASP G 64 29.53 -4.33 13.41
CA ASP G 64 28.46 -5.01 12.68
C ASP G 64 27.21 -5.16 13.52
N GLN G 65 27.36 -5.24 14.84
CA GLN G 65 26.22 -5.36 15.76
C GLN G 65 25.72 -4.01 16.25
N ALA G 66 26.64 -3.12 16.63
CA ALA G 66 26.25 -1.77 17.00
C ALA G 66 25.46 -1.11 15.87
N ARG G 67 25.83 -1.39 14.63
CA ARG G 67 25.05 -0.91 13.50
C ARG G 67 23.67 -1.55 13.48
N TYR G 68 23.57 -2.82 13.88
CA TYR G 68 22.28 -3.49 13.91
C TYR G 68 21.37 -2.88 14.97
N PHE G 69 21.84 -2.86 16.22
CA PHE G 69 21.05 -2.24 17.28
C PHE G 69 20.75 -0.78 16.96
N TYR G 70 21.65 -0.10 16.25
CA TYR G 70 21.35 1.26 15.80
C TYR G 70 20.25 1.23 14.75
N SER G 71 20.28 0.24 13.85
CA SER G 71 19.22 0.12 12.86
C SER G 71 17.89 -0.19 13.52
N THR G 72 17.84 -1.23 14.34
CA THR G 72 16.61 -1.59 15.04
C THR G 72 16.21 -0.55 16.08
N GLY G 73 17.14 0.28 16.53
CA GLY G 73 16.83 1.25 17.56
C GLY G 73 16.28 0.64 18.83
N GLN G 74 16.52 -0.65 19.05
CA GLN G 74 16.01 -1.33 20.23
C GLN G 74 16.88 -1.03 21.44
N SER G 75 16.24 -0.97 22.60
CA SER G 75 16.96 -0.77 23.85
C SER G 75 18.06 -1.81 24.00
N VAL G 76 19.26 -1.35 24.37
CA VAL G 76 20.40 -2.23 24.54
C VAL G 76 21.29 -1.67 25.63
N ARG G 77 21.98 -2.57 26.32
CA ARG G 77 22.94 -2.19 27.37
C ARG G 77 24.33 -2.30 26.77
N ILE G 78 24.89 -1.15 26.38
CA ILE G 78 26.23 -1.12 25.81
C ILE G 78 27.24 -1.03 26.93
N HIS G 79 28.28 -1.86 26.85
CA HIS G 79 29.33 -1.90 27.86
C HIS G 79 30.48 -1.01 27.42
N VAL G 80 30.87 -0.08 28.28
CA VAL G 80 31.92 0.89 27.97
C VAL G 80 33.03 0.77 29.00
N GLN G 81 34.25 1.06 28.56
CA GLN G 81 35.43 1.11 29.43
C GLN G 81 35.89 2.56 29.46
N LYS G 82 35.43 3.30 30.45
CA LYS G 82 35.73 4.72 30.54
C LYS G 82 37.24 4.95 30.54
N ASN G 83 37.65 6.07 29.96
CA ASN G 83 39.05 6.50 29.95
C ASN G 83 39.95 5.44 29.32
N ILE G 84 39.73 5.21 28.03
CA ILE G 84 40.58 4.32 27.25
C ILE G 84 41.19 4.99 26.03
N TRP G 85 40.60 6.05 25.49
CA TRP G 85 41.17 6.80 24.39
C TRP G 85 41.89 8.03 24.94
N THR G 86 43.02 8.36 24.32
CA THR G 86 43.89 9.43 24.81
C THR G 86 44.02 10.60 23.84
N TYR G 87 43.65 10.44 22.58
CA TYR G 87 43.76 11.54 21.63
C TYR G 87 42.90 12.71 22.09
N PRO G 88 43.48 13.90 22.33
CA PRO G 88 42.69 15.00 22.90
C PRO G 88 41.43 15.32 22.10
N LEU G 89 41.59 15.64 20.81
CA LEU G 89 40.44 16.02 20.00
C LEU G 89 39.39 14.91 19.97
N PHE G 90 39.84 13.66 19.93
CA PHE G 90 38.91 12.54 19.90
C PHE G 90 38.08 12.47 21.18
N VAL G 91 38.75 12.43 22.33
CA VAL G 91 38.04 12.32 23.60
C VAL G 91 37.10 13.50 23.79
N ASN G 92 37.43 14.66 23.24
CA ASN G 92 36.53 15.80 23.33
C ASN G 92 35.36 15.69 22.37
N THR G 93 35.56 15.05 21.21
CA THR G 93 34.50 14.96 20.22
C THR G 93 33.43 13.98 20.66
N PHE G 94 33.80 12.70 20.79
CA PHE G 94 32.81 11.66 21.11
C PHE G 94 32.74 11.40 22.61
N SER G 95 33.81 10.90 23.19
CA SER G 95 33.91 10.69 24.63
C SER G 95 35.25 10.04 24.92
N ALA G 96 35.55 9.90 26.22
CA ALA G 96 36.67 9.07 26.66
C ALA G 96 36.29 7.60 26.74
N ASN G 97 35.00 7.28 26.71
CA ASN G 97 34.56 5.90 26.85
C ASN G 97 34.95 5.08 25.63
N ALA G 98 35.03 3.76 25.83
CA ALA G 98 35.36 2.83 24.76
C ALA G 98 34.39 1.67 24.80
N LEU G 99 33.64 1.46 23.72
CA LEU G 99 32.70 0.36 23.65
C LEU G 99 33.43 -0.97 23.74
N VAL G 100 33.01 -1.81 24.68
CA VAL G 100 33.60 -3.12 24.87
C VAL G 100 32.63 -4.26 24.59
N GLY G 101 31.35 -3.96 24.38
CA GLY G 101 30.37 -4.98 24.07
C GLY G 101 28.94 -4.50 24.23
N LEU G 102 28.08 -4.92 23.32
CA LEU G 102 26.66 -4.58 23.36
C LEU G 102 25.85 -5.75 23.91
N SER G 103 24.56 -5.51 24.09
CA SER G 103 23.68 -6.54 24.64
C SER G 103 22.24 -6.11 24.44
N SER G 104 21.39 -7.07 24.06
CA SER G 104 19.98 -6.79 23.91
C SER G 104 19.32 -6.62 25.28
N CYS G 105 18.18 -5.95 25.29
CA CYS G 105 17.45 -5.65 26.52
C CYS G 105 16.01 -6.09 26.39
N SER G 106 15.47 -6.64 27.48
CA SER G 106 14.07 -7.00 27.57
C SER G 106 13.28 -5.82 28.13
N ALA G 107 12.03 -6.06 28.50
CA ALA G 107 11.21 -4.99 29.05
C ALA G 107 11.85 -4.40 30.30
N THR G 108 12.30 -5.25 31.22
CA THR G 108 12.88 -4.80 32.48
C THR G 108 14.36 -5.16 32.60
N GLN G 109 14.72 -6.42 32.43
CA GLN G 109 16.10 -6.87 32.63
C GLN G 109 16.82 -6.95 31.28
N CYS G 110 18.08 -6.55 31.29
CA CYS G 110 18.92 -6.57 30.10
C CYS G 110 19.82 -7.81 30.15
N PHE G 111 19.77 -8.61 29.10
CA PHE G 111 20.56 -9.84 29.02
C PHE G 111 22.03 -9.46 28.81
N GLY G 112 22.80 -9.44 29.88
CA GLY G 112 24.20 -9.08 29.82
C GLY G 112 24.80 -8.90 31.20
N PRO G 113 26.12 -8.77 31.26
CA PRO G 113 26.78 -8.62 32.57
C PRO G 113 26.49 -7.26 33.18
N LYS G 114 26.22 -7.27 34.48
CA LYS G 114 25.93 -6.04 35.21
C LYS G 114 26.74 -5.98 36.49
N VAL H 1 3.39 12.96 -5.56
CA VAL H 1 3.80 13.78 -6.68
C VAL H 1 2.57 14.21 -7.48
N ASP H 2 2.73 14.39 -8.78
CA ASP H 2 1.60 14.75 -9.63
C ASP H 2 0.71 13.56 -9.93
N PHE H 3 1.31 12.44 -10.33
CA PHE H 3 0.57 11.23 -10.66
C PHE H 3 1.28 10.03 -10.04
N VAL H 4 0.63 9.41 -9.07
CA VAL H 4 1.16 8.20 -8.44
C VAL H 4 0.60 6.98 -9.14
N TYR H 5 1.35 5.88 -9.09
CA TYR H 5 1.01 4.66 -9.81
C TYR H 5 0.77 3.53 -8.83
N ARG H 6 -0.08 2.58 -9.24
CA ARG H 6 -0.35 1.39 -8.46
C ARG H 6 -0.61 0.22 -9.41
N VAL H 7 0.01 -0.91 -9.12
CA VAL H 7 -0.19 -2.12 -9.91
C VAL H 7 -1.30 -2.95 -9.28
N ASP H 8 -2.18 -3.48 -10.12
CA ASP H 8 -3.27 -4.32 -9.65
C ASP H 8 -3.59 -5.37 -10.71
N SER H 9 -4.28 -6.42 -10.28
CA SER H 9 -4.68 -7.49 -11.18
C SER H 9 -6.10 -7.32 -11.72
N THR H 10 -6.91 -6.49 -11.10
CA THR H 10 -8.27 -6.28 -11.58
C THR H 10 -8.23 -5.59 -12.94
N PRO H 11 -9.04 -6.01 -13.91
CA PRO H 11 -9.01 -5.39 -15.24
C PRO H 11 -9.20 -3.89 -15.14
N PRO H 12 -8.84 -3.14 -16.18
CA PRO H 12 -9.01 -1.69 -16.12
C PRO H 12 -10.44 -1.25 -15.90
N ASP H 13 -11.40 -1.96 -16.52
CA ASP H 13 -12.81 -1.60 -16.33
C ASP H 13 -13.21 -1.67 -14.87
N VAL H 14 -12.76 -2.70 -14.15
CA VAL H 14 -13.14 -2.85 -12.75
C VAL H 14 -12.66 -1.65 -11.94
N ILE H 15 -11.46 -1.18 -12.21
CA ILE H 15 -10.91 -0.06 -11.45
C ILE H 15 -11.55 1.25 -11.90
N PHE H 16 -11.57 1.51 -13.21
CA PHE H 16 -12.24 2.69 -13.71
C PHE H 16 -13.71 2.72 -13.31
N ARG H 17 -14.29 1.57 -12.98
CA ARG H 17 -15.67 1.48 -12.53
C ARG H 17 -15.77 1.61 -11.02
N ASP H 18 -14.92 0.90 -10.28
CA ASP H 18 -14.95 0.88 -8.82
C ASP H 18 -13.78 1.59 -8.18
N GLY H 19 -12.59 1.55 -8.79
CA GLY H 19 -11.42 2.16 -8.20
C GLY H 19 -10.74 1.25 -7.20
N PHE H 20 -9.86 1.86 -6.41
CA PHE H 20 -9.13 1.17 -5.36
C PHE H 20 -9.72 1.55 -4.02
N SER H 21 -10.07 0.56 -3.22
CA SER H 21 -10.61 0.77 -1.89
C SER H 21 -9.59 0.38 -0.83
N LEU H 22 -9.74 0.96 0.35
CA LEU H 22 -8.86 0.64 1.45
C LEU H 22 -9.05 -0.82 1.87
N LEU H 23 -8.14 -1.30 2.71
CA LEU H 23 -8.23 -2.65 3.25
C LEU H 23 -9.02 -2.70 4.55
N GLY H 24 -9.18 -1.57 5.23
CA GLY H 24 -9.91 -1.53 6.48
C GLY H 24 -9.93 -0.16 7.10
N TYR H 25 -9.84 -0.10 8.43
CA TYR H 25 -9.88 1.16 9.16
C TYR H 25 -8.66 1.41 10.03
N ASN H 26 -7.75 0.44 10.15
CA ASN H 26 -6.58 0.60 11.00
C ASN H 26 -5.73 1.77 10.53
N ARG H 27 -5.69 2.83 11.31
CA ARG H 27 -4.90 4.01 10.98
C ARG H 27 -3.50 3.98 11.56
N ASN H 28 -3.12 2.89 12.22
CA ASN H 28 -1.77 2.80 12.79
C ASN H 28 -0.76 2.80 11.67
N PHE H 29 -0.04 3.92 11.50
CA PHE H 29 0.87 4.06 10.37
C PHE H 29 2.08 3.17 10.53
N GLN H 30 2.63 3.08 11.74
CA GLN H 30 3.76 2.19 11.98
C GLN H 30 3.45 0.77 11.54
N GLN H 31 2.19 0.36 11.62
CA GLN H 31 1.80 -0.96 11.14
C GLN H 31 1.73 -0.98 9.60
N PHE H 32 1.19 0.08 9.00
CA PHE H 32 1.07 0.12 7.55
C PHE H 32 2.44 0.01 6.89
N ILE H 33 3.35 0.92 7.23
CA ILE H 33 4.69 0.90 6.64
C ILE H 33 5.29 -0.49 6.73
N SER H 34 5.20 -1.10 7.92
CA SER H 34 5.70 -2.46 8.11
C SER H 34 4.84 -3.51 7.44
N GLY H 35 3.77 -3.12 6.75
CA GLY H 35 2.90 -4.08 6.10
C GLY H 35 2.06 -4.91 7.04
N ARG H 36 2.04 -4.57 8.34
CA ARG H 36 1.25 -5.35 9.29
C ARG H 36 -0.24 -5.17 9.04
N SER H 37 -0.67 -3.95 8.73
CA SER H 37 -2.07 -3.68 8.46
C SER H 37 -2.46 -3.94 7.01
N CYS H 38 -1.50 -4.20 6.13
CA CYS H 38 -1.77 -4.47 4.73
C CYS H 38 -1.93 -5.98 4.53
N SER H 39 -1.93 -6.42 3.27
CA SER H 39 -2.20 -7.81 2.94
C SER H 39 -1.38 -8.80 3.76
N GLY H 40 -0.26 -8.36 4.33
CA GLY H 40 0.57 -9.24 5.11
C GLY H 40 -0.09 -9.68 6.41
N GLY H 41 -0.32 -8.74 7.31
CA GLY H 41 -0.86 -9.06 8.62
C GLY H 41 -2.37 -8.92 8.71
N SER H 42 -2.83 -8.06 9.61
CA SER H 42 -4.26 -7.91 9.87
C SER H 42 -5.04 -7.60 8.61
N SER H 43 -4.42 -7.01 7.59
CA SER H 43 -5.08 -6.70 6.32
C SER H 43 -6.24 -5.73 6.52
N ASP H 44 -6.05 -4.75 7.41
CA ASP H 44 -7.06 -3.73 7.68
C ASP H 44 -6.48 -2.33 7.55
N SER H 45 -5.49 -2.16 6.67
CA SER H 45 -4.88 -0.86 6.49
C SER H 45 -5.88 0.14 5.92
N ARG H 46 -5.81 1.39 6.40
CA ARG H 46 -6.65 2.47 5.91
C ARG H 46 -5.90 3.37 4.95
N TYR H 47 -5.00 2.81 4.14
CA TYR H 47 -4.26 3.59 3.16
C TYR H 47 -4.05 2.74 1.91
N ILE H 48 -3.43 3.34 0.91
CA ILE H 48 -3.05 2.65 -0.33
C ILE H 48 -1.70 3.22 -0.77
N ALA H 49 -0.71 2.34 -0.93
CA ALA H 49 0.67 2.77 -1.09
C ALA H 49 0.83 3.76 -2.24
N THR H 50 0.57 3.31 -3.47
CA THR H 50 0.57 4.17 -4.65
C THR H 50 1.93 4.85 -4.83
N THR H 51 2.93 4.02 -5.14
CA THR H 51 4.27 4.53 -5.40
C THR H 51 4.24 5.55 -6.52
N SER H 52 5.11 6.56 -6.41
CA SER H 52 5.20 7.58 -7.45
C SER H 52 6.11 7.16 -8.60
N SER H 53 7.20 6.44 -8.30
CA SER H 53 8.15 6.04 -9.32
C SER H 53 7.57 4.93 -10.17
N VAL H 54 7.56 5.13 -11.49
CA VAL H 54 7.10 4.09 -12.39
C VAL H 54 7.97 2.85 -12.27
N ASN H 55 9.25 3.03 -11.91
CA ASN H 55 10.14 1.90 -11.76
C ASN H 55 9.64 0.93 -10.69
N GLN H 56 9.08 1.47 -9.60
CA GLN H 56 8.57 0.60 -8.54
C GLN H 56 7.42 -0.27 -9.05
N THR H 57 6.53 0.30 -9.87
CA THR H 57 5.44 -0.49 -10.42
C THR H 57 5.98 -1.63 -11.27
N TYR H 58 6.99 -1.36 -12.10
CA TYR H 58 7.65 -2.44 -12.82
C TYR H 58 8.21 -3.48 -11.85
N ALA H 59 8.90 -3.02 -10.81
CA ALA H 59 9.36 -3.94 -9.78
C ALA H 59 8.20 -4.69 -9.15
N ILE H 60 7.12 -3.99 -8.84
CA ILE H 60 5.92 -4.65 -8.30
C ILE H 60 5.45 -5.73 -9.26
N ALA H 61 5.28 -5.37 -10.53
CA ALA H 61 4.84 -6.34 -11.53
C ALA H 61 5.87 -7.45 -11.70
N ARG H 62 7.15 -7.07 -11.80
CA ARG H 62 8.20 -8.08 -11.91
C ARG H 62 8.18 -9.00 -10.71
N ALA H 63 7.89 -8.47 -9.52
CA ALA H 63 7.77 -9.31 -8.34
C ALA H 63 6.68 -10.36 -8.53
N TYR H 64 5.60 -10.01 -9.20
CA TYR H 64 4.48 -10.92 -9.43
C TYR H 64 4.72 -11.79 -10.66
N TYR H 65 4.98 -11.15 -11.79
CA TYR H 65 5.23 -11.84 -13.05
C TYR H 65 6.37 -12.86 -12.97
N SER H 66 7.22 -12.70 -11.97
CA SER H 66 8.40 -13.56 -11.80
C SER H 66 8.14 -14.71 -10.84
N ARG H 67 6.89 -15.18 -10.75
CA ARG H 67 6.52 -16.28 -9.89
C ARG H 67 5.82 -17.35 -10.71
N SER H 68 6.18 -18.61 -10.44
CA SER H 68 5.61 -19.75 -11.17
C SER H 68 4.16 -20.01 -10.81
N THR H 69 3.52 -19.18 -9.99
CA THR H 69 2.14 -19.35 -9.61
C THR H 69 1.23 -18.23 -10.08
N PHE H 70 1.78 -17.09 -10.51
CA PHE H 70 0.98 -15.97 -10.98
C PHE H 70 0.67 -16.16 -12.45
N LYS H 71 -0.61 -16.18 -12.78
CA LYS H 71 -1.08 -16.43 -14.15
C LYS H 71 -1.71 -15.20 -14.78
N GLY H 72 -2.57 -14.51 -14.04
CA GLY H 72 -3.25 -13.33 -14.54
C GLY H 72 -2.30 -12.26 -15.02
N ASN H 73 -2.84 -11.24 -15.68
CA ASN H 73 -2.04 -10.14 -16.19
C ASN H 73 -1.82 -9.08 -15.13
N LEU H 74 -1.07 -8.02 -15.47
CA LEU H 74 -0.80 -6.95 -14.54
C LEU H 74 -0.57 -5.62 -15.26
N TYR H 75 -1.46 -4.66 -15.02
CA TYR H 75 -1.35 -3.34 -15.64
C TYR H 75 -1.19 -2.27 -14.57
N ARG H 76 -0.43 -1.23 -14.88
CA ARG H 76 -0.20 -0.14 -13.94
C ARG H 76 -1.33 0.89 -13.99
N TYR H 77 -1.84 1.26 -12.83
CA TYR H 77 -2.93 2.21 -12.75
C TYR H 77 -2.48 3.60 -12.35
N GLN H 78 -2.08 4.39 -13.34
CA GLN H 78 -1.66 5.76 -13.07
C GLN H 78 -2.75 6.50 -12.32
N ILE H 79 -2.42 6.93 -11.11
CA ILE H 79 -3.39 7.51 -10.18
C ILE H 79 -2.98 8.95 -9.92
N ARG H 80 -3.87 9.89 -10.22
CA ARG H 80 -3.61 11.29 -9.90
C ARG H 80 -3.76 11.51 -8.39
N ALA H 81 -2.79 12.19 -7.81
CA ALA H 81 -2.86 12.51 -6.39
C ALA H 81 -3.81 13.69 -6.17
N ASP H 82 -4.22 13.87 -4.91
CA ASP H 82 -5.11 14.97 -4.55
C ASP H 82 -4.78 15.41 -3.14
N ASN H 83 -5.64 16.27 -2.57
CA ASN H 83 -5.43 16.76 -1.22
C ASN H 83 -5.42 15.66 -0.18
N ASN H 84 -5.82 14.44 -0.54
CA ASN H 84 -5.86 13.32 0.39
C ASN H 84 -4.74 12.32 0.17
N PHE H 85 -3.91 12.51 -0.86
CA PHE H 85 -2.74 11.67 -1.09
C PHE H 85 -1.58 12.24 -0.28
N TYR H 86 -1.06 11.45 0.65
CA TYR H 86 -0.01 11.88 1.56
C TYR H 86 1.23 11.02 1.36
N SER H 87 2.40 11.66 1.41
CA SER H 87 3.66 10.96 1.33
C SER H 87 3.97 10.34 2.69
N LEU H 88 5.18 9.80 2.85
CA LEU H 88 5.62 9.24 4.12
C LEU H 88 6.45 10.24 4.92
N LEU H 89 7.54 10.73 4.34
CA LEU H 89 8.49 11.61 5.06
C LEU H 89 7.80 12.65 5.93
N PRO H 90 6.82 13.42 5.45
CA PRO H 90 6.10 14.32 6.35
C PRO H 90 5.35 13.57 7.45
N SER H 91 4.87 12.37 7.15
CA SER H 91 4.13 11.58 8.15
C SER H 91 5.06 10.89 9.13
N ILE H 92 6.25 10.47 8.68
CA ILE H 92 7.21 9.87 9.60
C ILE H 92 7.82 10.93 10.50
N THR H 93 8.27 12.04 9.90
CA THR H 93 8.87 13.12 10.69
C THR H 93 7.94 13.55 11.82
N TYR H 94 6.63 13.55 11.57
CA TYR H 94 5.68 13.91 12.62
C TYR H 94 5.54 12.78 13.63
N LEU H 95 5.47 11.53 13.17
CA LEU H 95 5.36 10.41 14.08
C LEU H 95 6.63 10.18 14.88
N GLU H 96 7.75 10.78 14.47
CA GLU H 96 8.97 10.68 15.25
C GLU H 96 8.95 11.67 16.42
N THR H 97 8.72 12.95 16.13
CA THR H 97 8.64 13.94 17.20
C THR H 97 7.53 13.64 18.19
N GLN H 98 6.51 12.90 17.77
CA GLN H 98 5.41 12.52 18.65
C GLN H 98 5.77 11.35 19.57
N GLY H 99 7.04 10.98 19.65
CA GLY H 99 7.47 9.87 20.47
C GLY H 99 7.61 8.55 19.74
N GLY H 100 7.06 8.44 18.54
CA GLY H 100 7.18 7.21 17.78
C GLY H 100 8.61 6.91 17.40
N HIS H 101 8.81 5.74 16.80
CA HIS H 101 10.12 5.29 16.38
C HIS H 101 9.99 4.41 15.15
N PHE H 102 10.76 4.73 14.12
CA PHE H 102 10.77 3.97 12.87
C PHE H 102 12.19 3.44 12.67
N ASN H 103 12.40 2.19 13.06
CA ASN H 103 13.73 1.60 12.96
C ASN H 103 14.23 1.67 11.52
N ALA H 104 15.56 1.67 11.38
CA ALA H 104 16.18 1.91 10.09
C ALA H 104 15.70 0.96 9.00
N TYR H 105 15.09 -0.17 9.35
CA TYR H 105 14.54 -1.05 8.32
C TYR H 105 13.30 -0.41 7.70
N GLU H 106 12.44 0.20 8.52
CA GLU H 106 11.30 0.93 7.98
C GLU H 106 11.76 2.12 7.16
N LYS H 107 12.64 2.95 7.71
CA LYS H 107 13.21 4.05 6.95
C LYS H 107 13.86 3.54 5.67
N THR H 108 14.56 2.40 5.76
CA THR H 108 15.15 1.80 4.56
C THR H 108 14.07 1.50 3.54
N MET H 109 13.01 0.82 3.96
CA MET H 109 11.90 0.54 3.05
C MET H 109 11.33 1.83 2.49
N MET H 110 10.87 2.72 3.38
CA MET H 110 10.14 3.91 2.95
C MET H 110 10.95 4.75 1.97
N ARG H 111 12.27 4.71 2.04
CA ARG H 111 13.08 5.47 1.10
C ARG H 111 13.04 4.85 -0.29
N LEU H 112 12.92 3.53 -0.39
CA LEU H 112 12.93 2.86 -1.68
C LEU H 112 11.57 2.97 -2.37
N GLN H 113 10.49 2.95 -1.60
CA GLN H 113 9.17 2.92 -2.21
C GLN H 113 8.77 4.28 -2.77
N ARG H 114 9.16 5.37 -2.10
CA ARG H 114 8.66 6.70 -2.42
C ARG H 114 7.14 6.75 -2.31
N GLU H 115 6.61 6.02 -1.33
CA GLU H 115 5.16 5.85 -1.22
C GLU H 115 4.45 7.19 -1.14
N TYR H 116 3.20 7.20 -1.60
CA TYR H 116 2.26 8.30 -1.38
C TYR H 116 0.96 7.64 -0.92
N VAL H 117 0.85 7.43 0.38
CA VAL H 117 -0.28 6.67 0.92
C VAL H 117 -1.55 7.50 0.78
N SER H 118 -2.60 6.87 0.28
CA SER H 118 -3.90 7.53 0.09
C SER H 118 -4.76 7.23 1.30
N THR H 119 -4.87 8.20 2.21
CA THR H 119 -5.70 8.01 3.38
C THR H 119 -7.13 7.63 3.00
N LEU H 120 -7.62 8.16 1.88
CA LEU H 120 -8.93 7.81 1.36
C LEU H 120 -8.81 6.78 0.25
N SER H 121 -9.94 6.16 -0.07
CA SER H 121 -9.99 5.24 -1.19
C SER H 121 -9.78 5.99 -2.49
N ILE H 122 -8.99 5.41 -3.39
CA ILE H 122 -8.71 6.02 -4.68
C ILE H 122 -9.93 5.82 -5.57
N LEU H 123 -10.68 6.88 -5.80
CA LEU H 123 -11.87 6.78 -6.62
C LEU H 123 -11.49 6.75 -8.10
N PRO H 124 -12.33 6.14 -8.95
CA PRO H 124 -12.04 6.17 -10.39
C PRO H 124 -11.88 7.57 -10.94
N GLU H 125 -12.43 8.58 -10.26
CA GLU H 125 -12.26 9.95 -10.71
C GLU H 125 -10.80 10.37 -10.74
N ASN H 126 -9.93 9.66 -10.01
CA ASN H 126 -8.50 9.98 -9.96
C ASN H 126 -7.68 9.09 -10.89
N ILE H 127 -7.97 7.79 -10.95
CA ILE H 127 -7.22 6.89 -11.80
C ILE H 127 -7.33 7.37 -13.24
N GLN H 128 -6.19 7.70 -13.84
CA GLN H 128 -6.17 8.27 -15.19
C GLN H 128 -6.13 7.18 -16.25
N LYS H 129 -5.10 6.33 -16.21
CA LYS H 129 -4.94 5.28 -17.22
C LYS H 129 -4.39 4.03 -16.56
N ALA H 130 -4.62 2.90 -17.20
CA ALA H 130 -4.14 1.60 -16.75
C ALA H 130 -3.27 1.01 -17.85
N VAL H 131 -1.97 0.90 -17.57
CA VAL H 131 -1.01 0.40 -18.54
C VAL H 131 -0.84 -1.09 -18.25
N ALA H 132 -1.39 -1.93 -19.14
CA ALA H 132 -1.31 -3.39 -18.98
C ALA H 132 0.14 -3.81 -19.12
N LEU H 133 0.77 -4.17 -18.01
CA LEU H 133 2.18 -4.53 -18.01
C LEU H 133 2.35 -5.95 -18.51
N VAL H 134 3.03 -6.11 -19.65
CA VAL H 134 3.36 -7.43 -20.18
C VAL H 134 4.74 -7.83 -19.66
N TYR H 135 4.98 -9.14 -19.63
CA TYR H 135 6.21 -9.68 -19.07
C TYR H 135 6.78 -10.71 -20.03
N ASP H 136 7.99 -10.46 -20.51
CA ASP H 136 8.69 -11.38 -21.42
C ASP H 136 9.54 -12.31 -20.55
N SER H 137 9.06 -13.54 -20.37
CA SER H 137 9.78 -14.50 -19.53
C SER H 137 11.22 -14.68 -20.00
N ALA H 138 11.40 -14.91 -21.30
CA ALA H 138 12.74 -15.15 -21.83
C ALA H 138 13.71 -14.02 -21.51
N THR H 139 13.20 -12.83 -21.20
CA THR H 139 14.04 -11.68 -20.90
C THR H 139 13.82 -11.11 -19.51
N GLY H 140 12.75 -11.49 -18.81
CA GLY H 140 12.49 -10.95 -17.49
C GLY H 140 12.13 -9.48 -17.47
N LEU H 141 11.85 -8.87 -18.62
CA LEU H 141 11.46 -7.48 -18.67
C LEU H 141 9.98 -7.31 -18.33
N VAL H 142 9.63 -6.10 -17.91
CA VAL H 142 8.24 -5.73 -17.67
C VAL H 142 7.96 -4.56 -18.61
N LYS H 143 7.47 -4.87 -19.81
CA LYS H 143 7.16 -3.86 -20.80
C LYS H 143 5.70 -3.44 -20.68
N ASP H 144 5.42 -2.22 -21.12
CA ASP H 144 4.06 -1.71 -21.11
C ASP H 144 3.22 -2.39 -22.18
N GLY H 145 1.91 -2.24 -22.06
CA GLY H 145 0.99 -2.79 -23.03
C GLY H 145 -0.10 -1.80 -23.41
N VAL H 146 -1.26 -2.30 -23.81
CA VAL H 146 -2.38 -1.42 -24.14
C VAL H 146 -2.71 -0.58 -22.92
N SER H 147 -2.56 0.74 -23.06
CA SER H 147 -2.81 1.67 -21.96
C SER H 147 -4.24 2.19 -22.09
N THR H 148 -5.19 1.37 -21.63
CA THR H 148 -6.60 1.74 -21.66
C THR H 148 -6.82 2.90 -20.71
N MET H 149 -6.99 4.10 -21.27
CA MET H 149 -7.14 5.29 -20.46
C MET H 149 -8.56 5.36 -19.90
N ASN H 150 -8.66 5.77 -18.64
CA ASN H 150 -9.96 5.89 -18.00
C ASN H 150 -10.83 6.87 -18.76
N ALA H 151 -12.15 6.67 -18.67
CA ALA H 151 -13.11 7.53 -19.35
C ALA H 151 -13.55 8.70 -18.47
N SER H 152 -13.90 8.40 -17.22
CA SER H 152 -14.41 9.41 -16.30
C SER H 152 -13.30 10.03 -15.45
N TYR H 153 -12.06 9.99 -15.91
CA TYR H 153 -10.95 10.57 -15.15
C TYR H 153 -11.11 12.08 -15.08
N LEU H 154 -11.43 12.59 -13.89
CA LEU H 154 -11.54 14.02 -13.67
C LEU H 154 -10.14 14.60 -13.55
N GLY H 155 -9.67 15.25 -14.60
CA GLY H 155 -8.34 15.82 -14.61
C GLY H 155 -8.22 17.08 -13.78
N LEU H 156 -8.56 16.97 -12.49
CA LEU H 156 -8.46 18.12 -11.61
C LEU H 156 -7.01 18.58 -11.51
N SER H 157 -6.84 19.85 -11.12
CA SER H 157 -5.52 20.44 -10.96
C SER H 157 -5.06 20.28 -9.51
N THR H 158 -4.86 19.02 -9.12
CA THR H 158 -4.47 18.67 -7.77
C THR H 158 -3.13 17.95 -7.78
N THR H 159 -2.45 17.98 -6.64
CA THR H 159 -1.20 17.27 -6.45
C THR H 159 -1.20 16.65 -5.07
N SER H 160 -0.17 15.85 -4.79
CA SER H 160 -0.06 15.18 -3.51
C SER H 160 -0.03 16.22 -2.38
N ASN H 161 -0.43 15.77 -1.19
CA ASN H 161 -0.46 16.63 -0.02
C ASN H 161 0.89 16.53 0.69
N PRO H 162 1.72 17.58 0.70
CA PRO H 162 3.02 17.49 1.38
C PRO H 162 2.90 17.61 2.88
N GLY H 163 1.68 17.69 3.39
CA GLY H 163 1.46 17.79 4.82
C GLY H 163 1.55 16.43 5.50
N VAL H 164 1.13 16.42 6.76
CA VAL H 164 1.15 15.22 7.58
C VAL H 164 -0.21 14.53 7.47
N ILE H 165 -0.18 13.20 7.40
CA ILE H 165 -1.40 12.41 7.37
C ILE H 165 -2.22 12.76 8.60
N PRO H 166 -3.46 13.24 8.46
CA PRO H 166 -4.26 13.58 9.63
C PRO H 166 -4.74 12.33 10.35
N PHE H 167 -5.07 12.51 11.63
CA PHE H 167 -5.64 11.47 12.46
C PHE H 167 -4.68 10.31 12.71
N LEU H 168 -3.39 10.56 12.59
CA LEU H 168 -2.39 9.54 12.88
C LEU H 168 -2.46 9.18 14.36
N PRO H 169 -2.76 7.93 14.73
CA PRO H 169 -2.88 7.59 16.14
C PRO H 169 -1.54 7.69 16.85
N GLU H 170 -1.59 7.54 18.17
CA GLU H 170 -0.38 7.55 18.95
C GLU H 170 0.54 6.42 18.48
N PRO H 171 1.83 6.68 18.27
CA PRO H 171 2.74 5.63 17.82
C PRO H 171 3.27 4.80 18.98
N GLN H 172 3.91 3.68 18.63
CA GLN H 172 4.56 2.82 19.60
C GLN H 172 6.01 3.22 19.74
N THR H 173 6.48 3.37 20.98
CA THR H 173 7.84 3.82 21.22
C THR H 173 8.86 2.90 20.54
N TYR H 174 8.56 1.61 20.46
CA TYR H 174 9.47 0.66 19.85
C TYR H 174 8.68 -0.59 19.50
N THR H 175 8.66 -0.96 18.21
CA THR H 175 7.78 -2.01 17.72
C THR H 175 8.50 -3.34 17.54
N GLN H 176 9.56 -3.36 16.74
CA GLN H 176 10.21 -4.62 16.35
C GLN H 176 9.22 -5.53 15.64
N GLN H 177 8.39 -4.94 14.79
CA GLN H 177 7.32 -5.66 14.10
C GLN H 177 7.81 -6.12 12.73
N ARG H 178 7.40 -7.32 12.34
CA ARG H 178 7.79 -7.90 11.06
C ARG H 178 7.42 -6.95 9.91
N ILE H 179 8.44 -6.45 9.21
CA ILE H 179 8.24 -5.55 8.08
C ILE H 179 7.99 -6.38 6.83
N ASP H 180 6.73 -6.68 6.53
CA ASP H 180 6.42 -7.50 5.37
C ASP H 180 6.78 -6.78 4.08
N ALA H 181 7.38 -7.53 3.16
CA ALA H 181 7.80 -6.98 1.87
C ALA H 181 7.92 -8.12 0.88
N PHE H 182 7.58 -7.84 -0.38
CA PHE H 182 7.62 -8.82 -1.45
C PHE H 182 8.53 -8.34 -2.56
N GLY H 183 8.94 -9.29 -3.40
CA GLY H 183 9.75 -8.98 -4.55
C GLY H 183 11.05 -8.31 -4.18
N PRO H 184 11.53 -7.38 -5.02
CA PRO H 184 12.76 -6.66 -4.68
C PRO H 184 12.55 -5.69 -3.54
N LEU H 185 12.33 -6.22 -2.34
CA LEU H 185 12.20 -5.41 -1.13
C LEU H 185 11.16 -4.30 -1.32
N ILE H 186 10.03 -4.65 -1.91
CA ILE H 186 8.91 -3.72 -2.07
C ILE H 186 7.98 -3.90 -0.87
N SER H 187 7.50 -2.79 -0.34
CA SER H 187 6.63 -2.84 0.83
C SER H 187 5.42 -3.73 0.55
N SER H 188 4.99 -4.45 1.59
CA SER H 188 3.87 -5.36 1.45
C SER H 188 2.59 -4.63 1.05
N CYS H 189 2.51 -3.33 1.30
CA CYS H 189 1.31 -2.56 0.99
C CYS H 189 1.17 -2.27 -0.51
N PHE H 190 2.05 -2.79 -1.34
CA PHE H 190 1.93 -2.66 -2.79
C PHE H 190 1.32 -3.88 -3.45
N SER H 191 1.24 -5.00 -2.74
CA SER H 191 0.68 -6.22 -3.30
C SER H 191 -0.72 -5.97 -3.85
N ILE H 192 -1.20 -6.87 -4.70
CA ILE H 192 -2.56 -6.74 -5.21
C ILE H 192 -3.55 -6.76 -4.05
N GLY H 193 -3.32 -7.62 -3.07
CA GLY H 193 -4.21 -7.75 -1.94
C GLY H 193 -4.20 -6.57 -0.98
N SER H 194 -3.29 -5.61 -1.17
CA SER H 194 -3.23 -4.47 -0.28
C SER H 194 -4.44 -3.56 -0.40
N VAL H 195 -5.34 -3.83 -1.35
CA VAL H 195 -6.59 -3.10 -1.49
C VAL H 195 -7.71 -4.11 -1.61
N CYS H 196 -8.83 -3.83 -0.94
CA CYS H 196 -9.95 -4.77 -0.97
C CYS H 196 -10.44 -4.94 -2.40
N HIS H 197 -10.80 -6.18 -2.74
CA HIS H 197 -11.27 -6.54 -4.07
C HIS H 197 -12.71 -7.07 -4.06
N SER H 198 -13.50 -6.63 -3.07
CA SER H 198 -14.90 -7.03 -3.03
C SER H 198 -15.69 -6.27 -4.07
N HIS H 199 -15.38 -6.51 -5.35
CA HIS H 199 -16.07 -5.83 -6.43
C HIS H 199 -17.37 -6.57 -6.78
N ARG H 200 -18.28 -5.84 -7.44
CA ARG H 200 -19.54 -6.44 -7.86
C ARG H 200 -19.28 -7.65 -8.74
N GLY H 201 -20.02 -8.73 -8.49
CA GLY H 201 -19.86 -9.95 -9.26
C GLY H 201 -18.81 -10.87 -8.67
N GLN H 202 -18.64 -12.01 -9.34
CA GLN H 202 -17.66 -13.00 -8.91
C GLN H 202 -16.29 -12.40 -8.78
N ARG H 203 -15.76 -12.40 -7.56
CA ARG H 203 -14.44 -11.84 -7.29
C ARG H 203 -13.38 -12.67 -8.00
N ALA H 204 -12.78 -12.11 -9.05
CA ALA H 204 -11.70 -12.79 -9.75
C ALA H 204 -10.58 -13.13 -8.78
N ASP H 205 -10.06 -14.35 -8.88
CA ASP H 205 -9.04 -14.82 -7.96
C ASP H 205 -7.83 -13.89 -7.98
N VAL H 206 -7.59 -13.22 -6.86
CA VAL H 206 -6.43 -12.34 -6.71
C VAL H 206 -5.26 -13.16 -6.17
N TYR H 207 -4.07 -12.89 -6.70
CA TYR H 207 -2.90 -13.66 -6.31
C TYR H 207 -2.55 -13.39 -4.86
N ASN H 208 -2.30 -14.46 -4.10
CA ASN H 208 -1.94 -14.37 -2.69
C ASN H 208 -0.42 -14.36 -2.59
N MET H 209 0.17 -13.18 -2.83
CA MET H 209 1.60 -13.03 -2.75
C MET H 209 2.10 -13.39 -1.36
N SER H 210 3.05 -14.32 -1.30
CA SER H 210 3.66 -14.71 -0.04
C SER H 210 4.77 -13.72 0.29
N PHE H 211 4.54 -12.86 1.27
CA PHE H 211 5.51 -11.84 1.63
C PHE H 211 6.63 -12.45 2.46
N TYR H 212 7.63 -11.62 2.76
CA TYR H 212 8.74 -12.03 3.60
C TYR H 212 9.09 -10.87 4.54
N ASP H 213 9.90 -11.18 5.54
CA ASP H 213 10.35 -10.18 6.49
C ASP H 213 11.37 -9.27 5.81
N ALA H 214 11.10 -7.97 5.82
CA ALA H 214 12.05 -7.01 5.23
C ALA H 214 13.20 -6.69 6.17
N ARG H 215 13.01 -6.85 7.49
CA ARG H 215 14.08 -6.57 8.44
C ARG H 215 15.34 -7.36 8.11
N PRO H 216 15.31 -8.69 8.06
CA PRO H 216 16.56 -9.42 7.79
C PRO H 216 17.16 -9.11 6.43
N VAL H 217 16.38 -9.28 5.35
CA VAL H 217 16.90 -9.02 4.02
C VAL H 217 17.54 -7.65 3.94
N ILE H 218 17.01 -6.68 4.68
CA ILE H 218 17.66 -5.37 4.76
C ILE H 218 18.99 -5.49 5.50
N GLU H 219 18.95 -6.01 6.72
CA GLU H 219 20.17 -6.10 7.52
C GLU H 219 21.23 -6.99 6.87
N LEU H 220 20.82 -7.92 6.00
CA LEU H 220 21.79 -8.79 5.35
C LEU H 220 22.53 -8.06 4.24
N ILE H 221 21.83 -7.24 3.46
CA ILE H 221 22.44 -6.56 2.33
C ILE H 221 23.23 -5.33 2.74
N LEU H 222 23.09 -4.86 3.98
CA LEU H 222 23.83 -3.68 4.43
C LEU H 222 25.21 -4.05 4.97
N SER H 223 25.26 -4.92 5.98
CA SER H 223 26.52 -5.30 6.59
C SER H 223 27.29 -6.24 5.66
N LYS H 224 28.52 -6.57 6.06
CA LYS H 224 29.37 -7.47 5.29
C LYS H 224 29.52 -7.00 3.85
N ASN I 1 -14.82 7.02 -0.61
CA ASN I 1 -15.98 6.14 -0.56
C ASN I 1 -16.61 6.15 0.83
N ILE I 2 -17.66 5.35 1.01
CA ILE I 2 -18.33 5.25 2.30
C ILE I 2 -17.61 4.28 3.22
N SER I 3 -17.30 3.08 2.72
CA SER I 3 -16.45 2.16 3.46
C SER I 3 -15.13 2.81 3.85
N ASP I 4 -14.75 3.88 3.14
CA ASP I 4 -13.55 4.63 3.49
C ASP I 4 -13.58 5.14 4.92
N TYR I 5 -14.77 5.44 5.43
CA TYR I 5 -14.93 6.04 6.75
C TYR I 5 -15.69 5.10 7.67
N LYS I 6 -15.34 5.15 8.96
CA LYS I 6 -16.08 4.44 10.00
C LYS I 6 -17.33 5.25 10.31
N VAL I 7 -18.35 5.07 9.49
CA VAL I 7 -19.60 5.81 9.64
C VAL I 7 -20.49 5.10 10.66
N MET I 8 -21.22 5.89 11.43
CA MET I 8 -22.09 5.36 12.47
C MET I 8 -23.32 6.25 12.59
N THR I 9 -24.41 5.66 13.06
CA THR I 9 -25.66 6.37 13.29
C THR I 9 -26.10 6.15 14.73
N TRP I 10 -26.70 7.18 15.32
CA TRP I 10 -27.16 7.09 16.70
C TRP I 10 -28.18 8.20 16.96
N ASN I 11 -29.06 7.94 17.92
CA ASN I 11 -30.08 8.91 18.34
C ASN I 11 -29.91 9.17 19.83
N LEU I 12 -30.10 10.43 20.23
CA LEU I 12 -29.92 10.82 21.62
C LEU I 12 -31.15 10.57 22.48
N GLN I 13 -32.29 10.20 21.88
CA GLN I 13 -33.47 9.87 22.66
C GLN I 13 -33.17 8.72 23.61
N GLY I 14 -33.13 8.99 24.90
CA GLY I 14 -32.83 7.95 25.88
C GLY I 14 -33.96 7.69 26.85
N SER I 15 -34.72 8.74 27.19
CA SER I 15 -35.83 8.71 28.12
C SER I 15 -35.40 8.41 29.55
N SER I 16 -34.11 8.19 29.80
CA SER I 16 -33.62 7.89 31.15
C SER I 16 -32.29 8.55 31.46
N ALA I 17 -31.74 9.36 30.56
CA ALA I 17 -30.45 10.00 30.80
C ALA I 17 -30.56 11.51 30.57
N SER I 18 -29.43 12.21 30.60
CA SER I 18 -29.41 13.65 30.41
C SER I 18 -29.33 13.98 28.92
N THR I 19 -29.73 15.20 28.59
CA THR I 19 -29.76 15.62 27.19
C THR I 19 -28.36 15.83 26.62
N GLU I 20 -27.38 16.11 27.47
CA GLU I 20 -26.02 16.40 27.02
C GLU I 20 -24.98 15.43 27.55
N SER I 21 -25.37 14.49 28.42
CA SER I 21 -24.39 13.53 28.95
C SER I 21 -23.91 12.59 27.86
N LYS I 22 -24.84 11.91 27.18
CA LYS I 22 -24.46 11.00 26.10
C LYS I 22 -23.53 11.68 25.09
N TRP I 23 -23.72 12.97 24.86
CA TRP I 23 -22.81 13.70 23.99
C TRP I 23 -21.39 13.66 24.52
N ASN I 24 -21.24 13.77 25.85
CA ASN I 24 -19.92 13.91 26.45
C ASN I 24 -19.30 12.55 26.77
N VAL I 25 -20.09 11.60 27.24
CA VAL I 25 -19.57 10.33 27.72
C VAL I 25 -19.78 9.20 26.72
N ASN I 26 -20.97 9.14 26.09
CA ASN I 26 -21.29 8.04 25.20
C ASN I 26 -20.74 8.26 23.80
N VAL I 27 -21.11 9.37 23.17
CA VAL I 27 -20.61 9.67 21.82
C VAL I 27 -19.08 9.65 21.81
N ARG I 28 -18.46 10.18 22.88
CA ARG I 28 -17.00 10.20 22.94
C ARG I 28 -16.42 8.79 22.84
N GLN I 29 -17.04 7.83 23.54
CA GLN I 29 -16.57 6.45 23.46
C GLN I 29 -16.58 5.94 22.03
N LEU I 30 -17.46 6.49 21.19
CA LEU I 30 -17.52 6.05 19.79
C LEU I 30 -16.54 6.81 18.91
N LEU I 31 -16.23 8.05 19.25
CA LEU I 31 -15.39 8.91 18.41
C LEU I 31 -13.93 8.86 18.83
N SER I 32 -13.65 8.97 20.12
CA SER I 32 -12.29 9.07 20.60
C SER I 32 -11.45 7.90 20.09
N GLY I 33 -10.20 8.18 19.75
CA GLY I 33 -9.29 7.17 19.25
C GLY I 33 -9.54 6.84 17.80
N THR I 34 -8.47 6.54 17.05
CA THR I 34 -8.63 6.18 15.65
C THR I 34 -9.44 4.91 15.48
N ALA I 35 -9.47 4.04 16.50
CA ALA I 35 -10.36 2.89 16.49
C ALA I 35 -11.80 3.26 16.75
N GLY I 36 -12.09 4.55 16.97
CA GLY I 36 -13.44 5.00 17.21
C GLY I 36 -14.25 5.12 15.94
N VAL I 37 -15.03 6.19 15.83
CA VAL I 37 -15.92 6.40 14.70
C VAL I 37 -15.44 7.63 13.92
N ASP I 38 -15.53 7.54 12.59
CA ASP I 38 -15.17 8.67 11.74
C ASP I 38 -16.34 9.66 11.65
N ILE I 39 -17.47 9.21 11.13
CA ILE I 39 -18.66 10.04 10.95
C ILE I 39 -19.78 9.42 11.76
N LEU I 40 -20.31 10.18 12.72
CA LEU I 40 -21.39 9.72 13.59
C LEU I 40 -22.63 10.56 13.33
N MET I 41 -23.72 9.92 12.93
CA MET I 41 -24.99 10.61 12.74
C MET I 41 -25.73 10.63 14.07
N VAL I 42 -25.86 11.81 14.67
CA VAL I 42 -26.49 11.97 15.97
C VAL I 42 -27.86 12.60 15.75
N GLN I 43 -28.91 11.80 15.89
CA GLN I 43 -30.27 12.30 15.81
C GLN I 43 -30.72 12.84 17.17
N GLU I 44 -31.79 13.63 17.14
CA GLU I 44 -32.33 14.26 18.34
C GLU I 44 -31.22 14.99 19.10
N ALA I 45 -30.39 15.71 18.36
CA ALA I 45 -29.31 16.51 18.94
C ALA I 45 -29.89 17.81 19.49
N GLY I 46 -30.61 17.67 20.61
CA GLY I 46 -31.21 18.83 21.24
C GLY I 46 -30.23 19.96 21.47
N ALA I 47 -28.96 19.65 21.59
CA ALA I 47 -27.91 20.65 21.76
C ALA I 47 -26.57 19.95 21.66
N VAL I 48 -25.59 20.68 21.12
CA VAL I 48 -24.24 20.13 20.94
C VAL I 48 -23.51 20.17 22.28
N PRO I 49 -22.39 19.45 22.43
CA PRO I 49 -21.68 19.47 23.71
C PRO I 49 -21.25 20.88 24.08
N THR I 50 -21.42 21.21 25.36
CA THR I 50 -20.99 22.52 25.83
C THR I 50 -19.49 22.72 25.66
N SER I 51 -18.72 21.64 25.72
CA SER I 51 -17.27 21.73 25.53
C SER I 51 -16.90 22.10 24.10
N ALA I 52 -17.85 22.10 23.17
CA ALA I 52 -17.58 22.48 21.80
C ALA I 52 -17.84 23.98 21.62
N VAL I 53 -17.09 24.59 20.71
CA VAL I 53 -17.17 26.01 20.44
C VAL I 53 -17.56 26.19 18.98
N PRO I 54 -18.52 27.05 18.65
CA PRO I 54 -18.86 27.27 17.23
C PRO I 54 -17.66 27.81 16.47
N THR I 55 -17.52 27.35 15.22
CA THR I 55 -16.44 27.81 14.36
C THR I 55 -16.81 29.05 13.56
N GLY I 56 -18.07 29.46 13.55
CA GLY I 56 -18.50 30.62 12.82
C GLY I 56 -18.40 30.52 11.32
N ARG I 57 -17.91 29.41 10.79
CA ARG I 57 -17.77 29.24 9.34
C ARG I 57 -19.14 29.19 8.71
N HIS I 58 -19.52 30.25 8.00
CA HIS I 58 -20.80 30.27 7.31
C HIS I 58 -20.89 29.11 6.32
N ILE I 59 -22.09 28.57 6.17
CA ILE I 59 -22.33 27.41 5.31
C ILE I 59 -23.48 27.76 4.36
N GLN I 60 -23.24 27.57 3.07
CA GLN I 60 -24.27 27.75 2.05
C GLN I 60 -24.60 26.37 1.48
N PRO I 61 -25.38 25.56 2.20
CA PRO I 61 -25.56 24.16 1.80
C PRO I 61 -26.35 24.04 0.51
N PHE I 62 -26.25 22.86 -0.10
CA PHE I 62 -26.95 22.56 -1.33
C PHE I 62 -28.41 22.20 -1.03
N GLY I 63 -29.22 22.17 -2.08
CA GLY I 63 -30.63 21.86 -1.93
C GLY I 63 -31.41 23.00 -1.34
N VAL I 64 -31.87 22.84 -0.10
CA VAL I 64 -32.62 23.86 0.61
C VAL I 64 -31.70 24.48 1.66
N GLY I 65 -31.58 25.81 1.61
CA GLY I 65 -30.68 26.51 2.51
C GLY I 65 -31.27 26.74 3.88
N ILE I 66 -30.75 26.02 4.88
CA ILE I 66 -31.17 26.22 6.27
C ILE I 66 -29.93 26.57 7.09
N PRO I 67 -30.07 27.25 8.23
CA PRO I 67 -28.90 27.56 9.05
C PRO I 67 -28.24 26.30 9.59
N ILE I 68 -27.04 25.99 9.10
CA ILE I 68 -26.24 24.88 9.59
C ILE I 68 -25.05 25.47 10.34
N ASP I 69 -24.90 25.09 11.60
CA ASP I 69 -23.91 25.67 12.50
C ASP I 69 -22.89 24.59 12.87
N GLU I 70 -21.66 24.81 12.44
CA GLU I 70 -20.56 23.87 12.66
C GLU I 70 -19.83 24.23 13.95
N TYR I 71 -19.52 23.21 14.75
CA TYR I 71 -18.79 23.38 16.00
C TYR I 71 -17.47 22.64 15.96
N THR I 72 -16.50 23.16 16.70
CA THR I 72 -15.25 22.46 16.95
C THR I 72 -15.33 21.81 18.33
N TRP I 73 -15.15 20.48 18.37
CA TRP I 73 -15.33 19.71 19.60
C TRP I 73 -14.08 18.86 19.83
N ASN I 74 -13.14 19.40 20.59
CA ASN I 74 -11.97 18.62 20.99
C ASN I 74 -12.41 17.42 21.81
N LEU I 75 -11.77 16.28 21.57
CA LEU I 75 -12.10 15.05 22.28
C LEU I 75 -11.03 14.61 23.25
N GLY I 76 -9.75 14.76 22.91
CA GLY I 76 -8.66 14.37 23.76
C GLY I 76 -8.24 15.49 24.69
N THR I 77 -7.07 15.32 25.29
CA THR I 77 -6.53 16.33 26.17
C THR I 77 -6.21 17.61 25.39
N THR I 78 -5.84 18.66 26.13
CA THR I 78 -5.49 19.93 25.49
C THR I 78 -4.20 19.83 24.69
N SER I 79 -3.39 18.79 24.94
CA SER I 79 -2.15 18.62 24.19
C SER I 79 -2.41 17.94 22.85
N ARG I 80 -2.95 16.73 22.88
CA ARG I 80 -3.28 15.99 21.66
C ARG I 80 -4.67 16.42 21.21
N GLN I 81 -4.72 17.41 20.32
CA GLN I 81 -5.98 17.97 19.84
C GLN I 81 -6.67 16.96 18.93
N ASP I 82 -7.65 16.25 19.47
CA ASP I 82 -8.50 15.35 18.70
C ASP I 82 -9.72 16.14 18.25
N ILE I 83 -9.50 16.98 17.24
CA ILE I 83 -10.51 17.95 16.81
C ILE I 83 -11.59 17.23 16.02
N ARG I 84 -12.85 17.52 16.37
CA ARG I 84 -14.01 17.00 15.65
C ARG I 84 -14.90 18.16 15.24
N TYR I 85 -15.52 18.04 14.07
CA TYR I 85 -16.37 19.09 13.50
C TYR I 85 -17.81 18.61 13.55
N ILE I 86 -18.58 19.14 14.50
CA ILE I 86 -19.98 18.78 14.66
C ILE I 86 -20.81 19.66 13.74
N TYR I 87 -21.47 19.05 12.75
CA TYR I 87 -22.36 19.77 11.85
C TYR I 87 -23.78 19.59 12.37
N HIS I 88 -24.27 20.58 13.10
CA HIS I 88 -25.58 20.52 13.75
C HIS I 88 -26.65 21.17 12.87
N SER I 89 -27.90 20.98 13.27
CA SER I 89 -29.03 21.58 12.57
C SER I 89 -30.19 21.67 13.56
N ALA I 90 -30.57 22.89 13.94
CA ALA I 90 -31.57 23.09 14.98
C ALA I 90 -32.82 23.79 14.45
N ILE I 91 -32.70 24.96 13.83
CA ILE I 91 -33.82 25.80 13.47
C ILE I 91 -33.74 26.08 11.97
N ASP I 92 -34.65 25.50 11.21
CA ASP I 92 -34.66 25.66 9.75
C ASP I 92 -35.94 26.30 9.23
N VAL I 93 -37.10 25.74 9.55
CA VAL I 93 -38.38 26.14 8.96
C VAL I 93 -39.46 25.85 10.01
N GLY I 94 -40.67 26.35 9.75
CA GLY I 94 -41.79 26.17 10.65
C GLY I 94 -41.85 24.77 11.25
N ALA I 95 -41.43 23.77 10.49
CA ALA I 95 -41.19 22.43 11.04
C ALA I 95 -39.86 22.43 11.80
N ARG I 96 -39.86 23.18 12.89
CA ARG I 96 -38.63 23.49 13.61
C ARG I 96 -38.13 22.24 14.35
N ARG I 97 -37.05 22.42 15.11
CA ARG I 97 -36.50 21.36 15.95
C ARG I 97 -36.03 20.17 15.10
N VAL I 98 -35.06 20.45 14.23
CA VAL I 98 -34.43 19.39 13.45
C VAL I 98 -33.67 18.45 14.37
N ASN I 99 -32.67 18.98 15.09
CA ASN I 99 -31.92 18.21 16.07
C ASN I 99 -31.14 17.08 15.40
N LEU I 100 -30.58 17.35 14.22
CA LEU I 100 -29.72 16.42 13.51
C LEU I 100 -28.30 16.93 13.53
N ALA I 101 -27.37 16.12 14.03
CA ALA I 101 -25.96 16.48 14.11
C ALA I 101 -25.13 15.40 13.42
N ILE I 102 -24.15 15.85 12.64
CA ILE I 102 -23.23 14.96 11.92
C ILE I 102 -21.82 15.38 12.33
N VAL I 103 -21.27 14.70 13.33
CA VAL I 103 -19.92 14.98 13.80
C VAL I 103 -18.95 14.11 13.02
N SER I 104 -17.90 14.72 12.50
CA SER I 104 -16.92 14.04 11.67
C SER I 104 -15.51 14.37 12.15
N ARG I 105 -14.55 13.54 11.71
CA ARG I 105 -13.16 13.78 12.08
C ARG I 105 -12.59 14.96 11.32
N GLN I 106 -12.81 15.02 10.01
CA GLN I 106 -12.31 16.09 9.17
C GLN I 106 -13.42 17.08 8.86
N ARG I 107 -13.04 18.34 8.65
CA ARG I 107 -13.99 19.35 8.26
C ARG I 107 -14.53 19.06 6.86
N ALA I 108 -15.80 19.39 6.65
CA ALA I 108 -16.49 19.10 5.41
C ALA I 108 -16.43 20.32 4.51
N ASP I 109 -15.89 20.16 3.30
CA ASP I 109 -15.85 21.24 2.33
C ASP I 109 -17.22 21.52 1.73
N ASN I 110 -18.20 20.68 1.98
CA ASN I 110 -19.55 20.90 1.50
C ASN I 110 -20.54 20.30 2.50
N VAL I 111 -21.70 20.94 2.59
CA VAL I 111 -22.77 20.49 3.49
C VAL I 111 -24.07 20.49 2.69
N TYR I 112 -24.86 19.44 2.84
CA TYR I 112 -26.07 19.25 2.06
C TYR I 112 -27.29 19.21 2.97
N VAL I 113 -28.33 19.91 2.56
CA VAL I 113 -29.61 19.95 3.27
C VAL I 113 -30.68 19.60 2.25
N LEU I 114 -31.15 18.36 2.29
CA LEU I 114 -32.11 17.84 1.32
C LEU I 114 -33.46 17.68 2.00
N ARG I 115 -34.26 18.74 2.00
CA ARG I 115 -35.58 18.67 2.57
C ARG I 115 -36.46 17.74 1.74
N PRO I 116 -37.02 16.67 2.32
CA PRO I 116 -37.88 15.79 1.51
C PRO I 116 -39.14 16.49 1.05
N THR I 117 -39.97 15.79 0.28
CA THR I 117 -41.16 16.42 -0.29
C THR I 117 -42.23 16.66 0.77
N THR I 118 -42.31 15.80 1.79
CA THR I 118 -43.30 15.99 2.83
C THR I 118 -43.12 17.35 3.50
N VAL I 119 -44.20 17.81 4.14
CA VAL I 119 -44.19 19.14 4.75
C VAL I 119 -43.78 19.06 6.22
N ALA I 120 -44.19 18.02 6.92
CA ALA I 120 -43.89 17.86 8.35
C ALA I 120 -42.65 17.01 8.60
N SER I 121 -41.85 16.77 7.56
CA SER I 121 -40.67 15.92 7.69
C SER I 121 -39.45 16.75 8.07
N ARG I 122 -38.41 16.06 8.52
CA ARG I 122 -37.19 16.72 8.94
C ARG I 122 -36.21 16.82 7.77
N PRO I 123 -35.46 17.92 7.65
CA PRO I 123 -34.53 18.05 6.53
C PRO I 123 -33.37 17.09 6.66
N VAL I 124 -32.98 16.49 5.53
CA VAL I 124 -31.85 15.57 5.47
C VAL I 124 -30.58 16.42 5.42
N ILE I 125 -29.94 16.61 6.57
CA ILE I 125 -28.70 17.37 6.67
C ILE I 125 -27.53 16.39 6.56
N GLY I 126 -26.58 16.71 5.69
CA GLY I 126 -25.43 15.86 5.49
C GLY I 126 -24.18 16.68 5.25
N ILE I 127 -23.03 16.03 5.44
CA ILE I 127 -21.74 16.67 5.23
C ILE I 127 -21.14 16.13 3.93
N GLY I 128 -20.13 16.85 3.43
CA GLY I 128 -19.43 16.43 2.23
C GLY I 128 -17.93 16.43 2.42
N LEU I 129 -17.31 15.26 2.28
CA LEU I 129 -15.87 15.10 2.44
C LEU I 129 -15.28 14.78 1.07
N GLY I 130 -14.77 15.81 0.41
CA GLY I 130 -14.23 15.62 -0.93
C GLY I 130 -15.28 15.03 -1.85
N ASN I 131 -15.02 13.81 -2.33
CA ASN I 131 -15.95 13.11 -3.20
C ASN I 131 -16.86 12.15 -2.43
N ASP I 132 -17.03 12.38 -1.13
CA ASP I 132 -17.87 11.54 -0.29
C ASP I 132 -18.88 12.41 0.43
N VAL I 133 -20.09 11.87 0.61
CA VAL I 133 -21.17 12.58 1.27
C VAL I 133 -21.81 11.64 2.29
N PHE I 134 -22.13 12.18 3.47
CA PHE I 134 -22.69 11.39 4.56
C PHE I 134 -23.89 12.15 5.13
N LEU I 135 -25.09 11.74 4.72
CA LEU I 135 -26.32 12.39 5.16
C LEU I 135 -26.96 11.60 6.29
N THR I 136 -27.79 12.28 7.07
CA THR I 136 -28.58 11.66 8.12
C THR I 136 -30.00 12.18 8.06
N ALA I 137 -30.91 11.43 8.68
CA ALA I 137 -32.31 11.80 8.70
C ALA I 137 -32.93 11.34 10.01
N HIS I 138 -34.13 11.84 10.29
CA HIS I 138 -34.89 11.43 11.46
C HIS I 138 -36.37 11.50 11.08
N ALA I 139 -36.91 10.39 10.62
CA ALA I 139 -38.30 10.35 10.21
C ALA I 139 -39.22 10.52 11.42
N LEU I 140 -40.51 10.64 11.14
CA LEU I 140 -41.49 10.78 12.21
C LEU I 140 -41.68 9.43 12.90
N ALA I 141 -41.87 9.48 14.22
CA ALA I 141 -42.02 8.26 15.02
C ALA I 141 -43.33 7.54 14.80
N SER I 142 -44.16 7.95 13.84
CA SER I 142 -45.45 7.33 13.58
C SER I 142 -45.36 6.23 12.51
N GLY I 143 -44.21 5.59 12.37
CA GLY I 143 -44.01 4.55 11.40
C GLY I 143 -43.15 4.93 10.21
N GLY I 144 -42.35 5.99 10.32
CA GLY I 144 -41.51 6.42 9.23
C GLY I 144 -42.30 6.76 7.99
N PRO I 145 -43.22 7.72 8.11
CA PRO I 145 -44.03 8.10 6.94
C PRO I 145 -43.19 8.70 5.83
N ASP I 146 -42.36 9.70 6.14
CA ASP I 146 -41.47 10.31 5.18
C ASP I 146 -40.17 9.54 5.00
N ALA I 147 -40.02 8.39 5.67
CA ALA I 147 -38.81 7.59 5.53
C ALA I 147 -38.52 7.31 4.06
N ALA I 148 -39.54 6.90 3.31
CA ALA I 148 -39.38 6.69 1.88
C ALA I 148 -39.01 8.01 1.19
N ALA I 149 -39.81 9.05 1.40
CA ALA I 149 -39.48 10.35 0.84
C ALA I 149 -38.17 10.90 1.40
N ILE I 150 -37.72 10.39 2.55
CA ILE I 150 -36.45 10.83 3.09
C ILE I 150 -35.30 10.29 2.27
N VAL I 151 -35.39 9.04 1.82
CA VAL I 151 -34.33 8.45 1.02
C VAL I 151 -34.48 8.85 -0.45
N ARG I 152 -35.70 9.02 -0.93
CA ARG I 152 -35.89 9.37 -2.34
C ARG I 152 -35.33 10.75 -2.65
N VAL I 153 -35.65 11.74 -1.80
CA VAL I 153 -35.13 13.08 -2.01
C VAL I 153 -33.61 13.05 -2.06
N THR I 154 -33.00 12.20 -1.25
CA THR I 154 -31.54 12.06 -1.28
C THR I 154 -31.09 11.55 -2.64
N ILE I 155 -31.74 10.50 -3.14
CA ILE I 155 -31.38 9.97 -4.45
C ILE I 155 -31.58 11.04 -5.52
N ASN I 156 -32.81 11.55 -5.63
CA ASN I 156 -33.11 12.57 -6.63
C ASN I 156 -32.07 13.68 -6.62
N PHE I 157 -31.59 14.06 -5.44
CA PHE I 157 -30.62 15.15 -5.36
C PHE I 157 -29.23 14.73 -5.83
N PHE I 158 -28.85 13.48 -5.60
CA PHE I 158 -27.51 13.01 -5.95
C PHE I 158 -27.46 12.32 -7.30
N ARG I 159 -28.56 12.35 -8.05
CA ARG I 159 -28.52 11.99 -9.47
C ARG I 159 -28.29 13.21 -10.36
N GLN I 160 -28.24 14.41 -9.77
CA GLN I 160 -27.98 15.64 -10.50
C GLN I 160 -26.66 15.54 -11.25
N PRO I 161 -26.39 16.43 -12.20
CA PRO I 161 -25.16 16.32 -12.99
C PRO I 161 -23.90 16.46 -12.14
N GLN I 162 -23.80 17.56 -11.40
CA GLN I 162 -22.60 17.83 -10.62
C GLN I 162 -22.54 17.01 -9.34
N MET I 163 -23.68 16.57 -8.81
CA MET I 163 -23.74 15.78 -7.59
C MET I 163 -23.75 14.28 -7.87
N ARG I 164 -23.40 13.87 -9.09
CA ARG I 164 -23.45 12.45 -9.44
C ARG I 164 -22.19 11.73 -9.00
N HIS I 165 -21.01 12.31 -9.26
CA HIS I 165 -19.76 11.65 -8.92
C HIS I 165 -19.67 11.33 -7.45
N LEU I 166 -20.34 12.10 -6.60
CA LEU I 166 -20.26 11.89 -5.17
C LEU I 166 -20.79 10.51 -4.78
N SER I 167 -20.24 9.98 -3.70
CA SER I 167 -20.65 8.70 -3.14
C SER I 167 -21.35 9.00 -1.82
N TRP I 168 -22.65 9.20 -1.88
CA TRP I 168 -23.43 9.61 -0.72
C TRP I 168 -23.91 8.40 0.07
N PHE I 169 -24.27 8.65 1.33
CA PHE I 169 -24.68 7.58 2.23
C PHE I 169 -25.60 8.18 3.29
N LEU I 170 -26.89 7.92 3.16
CA LEU I 170 -27.88 8.39 4.11
C LEU I 170 -28.06 7.37 5.22
N ALA I 171 -28.10 7.85 6.47
CA ALA I 171 -28.23 6.96 7.62
C ALA I 171 -28.83 7.72 8.77
N GLY I 172 -29.96 7.24 9.27
CA GLY I 172 -30.61 7.87 10.40
C GLY I 172 -31.69 6.99 10.95
N ASP I 173 -32.47 7.57 11.87
CA ASP I 173 -33.61 6.88 12.48
C ASP I 173 -34.79 7.00 11.52
N PHE I 174 -34.82 6.11 10.52
CA PHE I 174 -35.88 6.13 9.52
C PHE I 174 -37.25 5.77 10.10
N ASN I 175 -37.30 5.23 11.32
CA ASN I 175 -38.57 4.83 11.93
C ASN I 175 -39.36 3.90 11.02
N ARG I 176 -38.66 3.10 10.22
CA ARG I 176 -39.30 2.18 9.30
C ARG I 176 -38.30 1.09 8.93
N SER I 177 -38.61 -0.14 9.30
CA SER I 177 -37.72 -1.27 9.07
C SER I 177 -37.28 -1.33 7.61
N PRO I 178 -36.13 -1.95 7.32
CA PRO I 178 -35.69 -2.02 5.91
C PRO I 178 -36.72 -2.67 5.00
N ASP I 179 -37.28 -3.80 5.41
CA ASP I 179 -38.31 -4.45 4.59
C ASP I 179 -39.48 -3.53 4.31
N ARG I 180 -39.69 -2.52 5.15
CA ARG I 180 -40.75 -1.54 4.93
C ARG I 180 -40.28 -0.38 4.08
N LEU I 181 -39.04 0.09 4.30
CA LEU I 181 -38.49 1.13 3.44
C LEU I 181 -38.19 0.59 2.05
N GLU I 182 -37.60 -0.61 1.97
CA GLU I 182 -37.36 -1.24 0.68
C GLU I 182 -38.66 -1.56 -0.04
N ASN I 183 -39.79 -1.56 0.67
CA ASN I 183 -41.08 -1.75 0.02
C ASN I 183 -41.55 -0.47 -0.67
N ASP I 184 -41.30 0.68 -0.06
CA ASP I 184 -41.68 1.96 -0.67
C ASP I 184 -40.76 2.36 -1.81
N LEU I 185 -39.62 1.70 -1.97
CA LEU I 185 -38.65 1.99 -3.02
C LEU I 185 -38.43 0.77 -3.90
N MET I 186 -39.50 0.08 -4.26
CA MET I 186 -39.43 -1.07 -5.15
C MET I 186 -40.43 -0.99 -6.30
N THR I 187 -41.61 -0.43 -6.07
CA THR I 187 -42.65 -0.41 -7.10
C THR I 187 -42.12 0.19 -8.39
N GLU I 188 -41.44 1.33 -8.30
CA GLU I 188 -40.86 1.99 -9.47
C GLU I 188 -39.34 2.06 -9.43
N HIS I 189 -38.74 2.07 -8.23
CA HIS I 189 -37.29 2.13 -8.08
C HIS I 189 -36.70 0.75 -8.41
N LEU I 190 -36.66 0.47 -9.72
CA LEU I 190 -36.28 -0.85 -10.21
C LEU I 190 -34.80 -0.96 -10.58
N GLU I 191 -34.07 0.15 -10.60
CA GLU I 191 -32.65 0.10 -10.92
C GLU I 191 -31.79 -0.28 -9.72
N ARG I 192 -32.38 -0.34 -8.52
CA ARG I 192 -31.62 -0.58 -7.29
C ARG I 192 -30.54 0.48 -7.13
N VAL I 193 -30.95 1.74 -7.28
CA VAL I 193 -30.02 2.86 -7.16
C VAL I 193 -29.38 2.86 -5.78
N VAL I 194 -30.05 2.32 -4.78
CA VAL I 194 -29.56 2.33 -3.41
C VAL I 194 -29.65 0.92 -2.83
N ALA I 195 -28.68 0.59 -1.98
CA ALA I 195 -28.62 -0.69 -1.29
C ALA I 195 -28.78 -0.43 0.20
N VAL I 196 -29.96 -0.75 0.74
CA VAL I 196 -30.22 -0.51 2.15
C VAL I 196 -29.23 -1.29 3.00
N LEU I 197 -28.73 -0.64 4.05
CA LEU I 197 -27.77 -1.24 4.97
C LEU I 197 -28.36 -1.17 6.38
N ALA I 198 -28.71 -2.32 6.93
CA ALA I 198 -29.29 -2.40 8.25
C ALA I 198 -28.76 -3.64 8.96
N PRO I 199 -28.63 -3.60 10.29
CA PRO I 199 -28.11 -4.76 11.02
C PRO I 199 -29.10 -5.89 11.04
N THR I 200 -28.62 -7.06 11.48
CA THR I 200 -29.48 -8.23 11.58
C THR I 200 -30.39 -8.13 12.79
N GLU I 201 -29.81 -7.99 13.99
CA GLU I 201 -30.59 -7.92 15.20
C GLU I 201 -31.29 -6.57 15.30
N PRO I 202 -32.35 -6.48 16.11
CA PRO I 202 -33.06 -5.20 16.25
C PRO I 202 -32.13 -4.10 16.72
N THR I 203 -32.64 -2.87 16.65
CA THR I 203 -31.89 -1.68 17.04
C THR I 203 -32.75 -0.78 17.92
N GLN I 204 -33.45 -1.37 18.89
CA GLN I 204 -34.22 -0.59 19.85
C GLN I 204 -34.73 -1.52 20.94
N ILE I 205 -34.76 -1.02 22.18
CA ILE I 205 -35.18 -1.85 23.30
C ILE I 205 -36.58 -2.42 23.06
N GLY I 206 -37.43 -1.68 22.36
CA GLY I 206 -38.78 -2.14 22.10
C GLY I 206 -39.11 -2.21 20.61
N GLY I 207 -38.39 -1.43 19.81
CA GLY I 207 -38.62 -1.39 18.38
C GLY I 207 -37.91 -2.52 17.66
N GLY I 208 -37.85 -2.38 16.33
CA GLY I 208 -37.22 -3.38 15.49
C GLY I 208 -35.88 -2.94 14.95
N ILE I 209 -35.84 -2.57 13.67
CA ILE I 209 -34.60 -2.19 13.01
C ILE I 209 -34.71 -0.75 12.53
N LEU I 210 -35.43 0.07 13.31
CA LEU I 210 -35.68 1.46 12.90
C LEU I 210 -34.38 2.17 12.52
N ASP I 211 -33.30 1.91 13.25
CA ASP I 211 -32.02 2.57 13.01
C ASP I 211 -31.23 1.76 11.98
N TYR I 212 -30.86 2.42 10.89
CA TYR I 212 -30.06 1.80 9.83
C TYR I 212 -29.67 2.89 8.84
N GLY I 213 -29.02 2.49 7.74
CA GLY I 213 -28.60 3.43 6.73
C GLY I 213 -28.81 2.86 5.34
N VAL I 214 -28.55 3.70 4.34
CA VAL I 214 -28.76 3.34 2.95
C VAL I 214 -27.67 4.00 2.11
N ILE I 215 -27.01 3.20 1.27
CA ILE I 215 -25.89 3.66 0.45
C ILE I 215 -26.28 3.50 -1.01
N VAL I 216 -25.96 4.51 -1.82
CA VAL I 216 -26.20 4.41 -3.25
C VAL I 216 -25.36 3.29 -3.84
N ASP I 217 -26.00 2.45 -4.66
CA ASP I 217 -25.28 1.32 -5.25
C ASP I 217 -24.21 1.79 -6.22
N ARG I 218 -24.56 2.73 -7.10
CA ARG I 218 -23.61 3.17 -8.12
C ARG I 218 -22.35 3.77 -7.53
N ALA I 219 -22.39 4.18 -6.27
CA ALA I 219 -21.18 4.68 -5.62
C ALA I 219 -20.15 3.57 -5.54
N PRO I 220 -18.86 3.87 -5.63
CA PRO I 220 -17.85 2.82 -5.68
C PRO I 220 -17.77 2.07 -4.36
N TYR I 221 -17.65 0.74 -4.45
CA TYR I 221 -17.45 -0.12 -3.29
C TYR I 221 -18.56 0.04 -2.26
N SER I 222 -19.77 0.35 -2.72
CA SER I 222 -20.89 0.45 -1.79
C SER I 222 -21.22 -0.89 -1.17
N GLN I 223 -20.94 -1.99 -1.89
CA GLN I 223 -21.25 -3.33 -1.38
C GLN I 223 -20.40 -3.69 -0.15
N ARG I 224 -19.39 -2.90 0.18
CA ARG I 224 -18.53 -3.19 1.32
C ARG I 224 -19.12 -2.72 2.64
N VAL I 225 -19.94 -1.67 2.62
CA VAL I 225 -20.43 -1.06 3.84
C VAL I 225 -21.49 -1.95 4.48
N GLU I 226 -21.09 -2.72 5.49
CA GLU I 226 -22.00 -3.55 6.26
C GLU I 226 -22.42 -2.80 7.52
N ALA I 227 -23.71 -2.91 7.85
CA ALA I 227 -24.29 -2.15 8.97
C ALA I 227 -24.31 -3.07 10.20
N LEU I 228 -23.36 -2.85 11.11
CA LEU I 228 -23.34 -3.53 12.39
C LEU I 228 -23.90 -2.61 13.47
N ARG I 229 -24.31 -3.22 14.58
CA ARG I 229 -24.96 -2.52 15.68
C ARG I 229 -24.00 -2.41 16.84
N ASN I 230 -23.71 -1.17 17.24
CA ASN I 230 -22.83 -0.95 18.38
C ASN I 230 -23.51 -1.42 19.66
N PRO I 231 -22.74 -1.92 20.64
CA PRO I 231 -23.35 -2.35 21.91
C PRO I 231 -24.24 -1.29 22.53
N GLN I 232 -25.10 -1.72 23.47
CA GLN I 232 -26.06 -0.80 24.08
C GLN I 232 -25.36 0.39 24.70
N LEU I 233 -25.86 1.59 24.38
CA LEU I 233 -25.39 2.83 24.99
C LEU I 233 -26.54 3.45 25.79
N ALA I 234 -26.28 4.65 26.33
CA ALA I 234 -27.24 5.29 27.22
C ALA I 234 -28.53 5.71 26.51
N SER I 235 -28.57 5.70 25.19
CA SER I 235 -29.75 6.12 24.47
C SER I 235 -30.82 5.04 24.51
N ASP I 236 -31.96 5.31 23.84
CA ASP I 236 -33.07 4.37 23.83
C ASP I 236 -32.88 3.26 22.82
N HIS I 237 -32.10 3.49 21.76
CA HIS I 237 -31.81 2.48 20.76
C HIS I 237 -30.34 2.49 20.42
N TYR I 238 -29.83 1.31 20.03
CA TYR I 238 -28.41 1.11 19.84
C TYR I 238 -27.88 2.05 18.75
N PRO I 239 -26.58 2.33 18.76
CA PRO I 239 -25.96 3.00 17.62
C PRO I 239 -25.59 2.01 16.53
N VAL I 240 -25.94 2.33 15.29
CA VAL I 240 -25.66 1.44 14.16
C VAL I 240 -24.33 1.85 13.55
N ALA I 241 -23.36 0.94 13.58
CA ALA I 241 -22.06 1.18 12.99
C ALA I 241 -22.03 0.66 11.56
N PHE I 242 -21.50 1.48 10.65
CA PHE I 242 -21.39 1.12 9.24
C PHE I 242 -19.90 1.00 8.92
N LEU I 243 -19.34 -0.17 9.19
CA LEU I 243 -17.96 -0.46 8.90
C LEU I 243 -17.86 -1.06 7.49
N ALA I 244 -16.68 -1.56 7.14
CA ALA I 244 -16.44 -2.19 5.86
C ALA I 244 -16.24 -3.69 6.03
N ARG I 245 -16.82 -4.46 5.12
CA ARG I 245 -16.67 -5.91 5.18
C ARG I 245 -15.20 -6.28 5.06
N SER I 246 -14.73 -7.14 5.96
CA SER I 246 -13.32 -7.49 5.99
C SER I 246 -12.87 -8.03 4.64
N CYS I 247 -11.55 -8.06 4.44
CA CYS I 247 -10.96 -8.48 3.18
C CYS I 247 -9.84 -9.49 3.42
#